data_3GUE
#
_entry.id   3GUE
#
_cell.length_a   167.697
_cell.length_b   77.485
_cell.length_c   112.209
_cell.angle_alpha   90.00
_cell.angle_beta   117.88
_cell.angle_gamma   90.00
#
_symmetry.space_group_name_H-M   'C 1 2 1'
#
loop_
_entity.id
_entity.type
_entity.pdbx_description
1 polymer 'UTP-glucose-1-phosphate uridylyltransferase 2'
2 non-polymer "URIDINE-5'-DIPHOSPHATE-GLUCOSE"
3 non-polymer GLYCEROL
4 non-polymer 'SULFATE ION'
5 non-polymer (2R,3S)-1,4-DIMERCAPTOBUTANE-2,3-DIOL
6 non-polymer 'TETRAETHYLENE GLYCOL'
7 water water
#
_entity_poly.entity_id   1
_entity_poly.type   'polypeptide(L)'
_entity_poly.pdbx_seq_one_letter_code
;GLNPPSAFSGAALACLEKMQASGVEEKCIHIFLIQHALVRKGETGYIPEKSISPVESLPFLQGIETKGENTALLRQAVVL
KLNGGLGTGMGLNGPKSLLQVKNGQTFLDFTALQLEHFRQVRNCNVPFMLMNSFSTSGETKNFLRKYPTLYEVFDSDIEL
MQNRVPKIRQDNFFPVTYEADPTCEWVPPGHGDVYTVLYSSGKLDYLLGKGYRYMFISNGDNLGATLDVRLLDYMHEKQL
GFLMEVCRRTESDKKGGHLAYKDVIDETTGQTRRRFVLRESAQCPKEDEDSFQNIAKHCFFNTNNIWINLMELKKMMDEQ
LGVLRLPVMRNPKTVNPQDSQSTKVYQLEVAMGAAISLFDRSEAVVVPRERFAPVKTCSDLLALRSDAYQVTEDQRLVLC
EERNGKPPAIDLDGEHYKMIDGFEKLVKGGVPSLRQCTSLTVRGLVEFGADVSVRGNVVIKNLKEEPLIIGSGRVLDNEV
VVVE
;
_entity_poly.pdbx_strand_id   A,B
#
loop_
_chem_comp.id
_chem_comp.type
_chem_comp.name
_chem_comp.formula
DTU non-polymer (2R,3S)-1,4-DIMERCAPTOBUTANE-2,3-DIOL 'C4 H10 O2 S2'
GOL non-polymer GLYCEROL 'C3 H8 O3'
PG4 non-polymer 'TETRAETHYLENE GLYCOL' 'C8 H18 O5'
SO4 non-polymer 'SULFATE ION' 'O4 S -2'
UPG non-polymer URIDINE-5'-DIPHOSPHATE-GLUCOSE 'C15 H24 N2 O17 P2'
#
# COMPACT_ATOMS: atom_id res chain seq x y z
N SER A 9 17.11 30.14 -34.74
CA SER A 9 18.09 29.07 -35.03
C SER A 9 17.61 28.12 -36.15
N GLY A 10 18.39 28.07 -37.23
CA GLY A 10 18.13 27.17 -38.37
C GLY A 10 18.36 25.71 -37.97
N ALA A 11 19.36 25.48 -37.12
CA ALA A 11 19.69 24.13 -36.58
C ALA A 11 18.55 23.54 -35.73
N ALA A 12 17.89 24.39 -34.96
CA ALA A 12 16.78 23.98 -34.09
C ALA A 12 15.54 23.67 -34.90
N LEU A 13 15.26 24.53 -35.88
CA LEU A 13 14.15 24.30 -36.81
C LEU A 13 14.32 23.00 -37.61
N ALA A 14 15.54 22.75 -38.08
CA ALA A 14 15.89 21.48 -38.71
C ALA A 14 15.65 20.26 -37.77
N CYS A 15 16.03 20.36 -36.50
CA CYS A 15 15.78 19.30 -35.50
C CYS A 15 14.28 19.17 -35.30
N LEU A 16 13.59 20.30 -35.27
CA LEU A 16 12.15 20.34 -34.99
C LEU A 16 11.40 19.58 -36.04
N GLU A 17 11.70 19.89 -37.30
CA GLU A 17 11.00 19.35 -38.44
C GLU A 17 11.28 17.88 -38.61
N LYS A 18 12.55 17.48 -38.41
CA LYS A 18 12.93 16.07 -38.47
C LYS A 18 12.24 15.24 -37.37
N MET A 19 12.11 15.82 -36.17
CA MET A 19 11.42 15.14 -35.05
C MET A 19 9.93 14.98 -35.32
N GLN A 20 9.29 16.06 -35.73
CA GLN A 20 7.88 16.02 -36.11
C GLN A 20 7.63 15.04 -37.29
N ALA A 21 8.58 14.93 -38.22
CA ALA A 21 8.44 14.00 -39.35
C ALA A 21 8.46 12.53 -38.92
N SER A 22 9.08 12.25 -37.77
CA SER A 22 9.19 10.88 -37.29
C SER A 22 8.20 10.55 -36.17
N GLY A 23 7.32 11.47 -35.82
CA GLY A 23 6.27 11.17 -34.84
C GLY A 23 6.64 11.38 -33.37
N VAL A 24 7.73 12.10 -33.14
CA VAL A 24 8.22 12.42 -31.79
C VAL A 24 7.24 13.27 -30.97
N GLU A 25 7.11 12.91 -29.70
CA GLU A 25 6.17 13.52 -28.78
C GLU A 25 6.46 15.03 -28.67
N GLU A 26 5.40 15.84 -28.78
CA GLU A 26 5.46 17.31 -28.68
C GLU A 26 6.29 17.89 -27.51
N LYS A 27 6.02 17.41 -26.29
CA LYS A 27 6.77 17.92 -25.13
C LYS A 27 8.24 17.51 -25.18
N CYS A 28 8.55 16.33 -25.71
CA CYS A 28 9.94 15.90 -25.88
C CYS A 28 10.69 16.84 -26.86
N ILE A 29 10.05 17.20 -27.97
CA ILE A 29 10.63 18.15 -28.94
C ILE A 29 10.96 19.47 -28.21
N HIS A 30 9.98 20.00 -27.49
CA HIS A 30 10.13 21.23 -26.70
C HIS A 30 11.30 21.18 -25.67
N ILE A 31 11.35 20.13 -24.86
CA ILE A 31 12.45 19.92 -23.91
C ILE A 31 13.81 19.81 -24.65
N PHE A 32 13.86 19.05 -25.74
CA PHE A 32 15.07 18.94 -26.55
C PHE A 32 15.56 20.29 -27.09
N LEU A 33 14.65 21.14 -27.57
CA LEU A 33 15.04 22.39 -28.20
C LEU A 33 15.48 23.41 -27.15
N ILE A 34 14.95 23.28 -25.93
CA ILE A 34 15.47 23.98 -24.76
C ILE A 34 16.96 23.64 -24.57
N GLN A 35 17.26 22.35 -24.48
CA GLN A 35 18.63 21.85 -24.32
C GLN A 35 19.55 22.23 -25.49
N HIS A 36 19.01 22.14 -26.72
CA HIS A 36 19.65 22.57 -27.98
C HIS A 36 20.10 24.04 -27.99
N ALA A 37 19.17 24.93 -27.62
CA ALA A 37 19.52 26.32 -27.28
C ALA A 37 20.75 26.38 -26.37
N LEU A 38 20.78 25.61 -25.27
CA LEU A 38 21.88 25.69 -24.29
C LEU A 38 23.20 25.28 -24.89
N VAL A 39 23.21 24.10 -25.52
CA VAL A 39 24.39 23.49 -26.10
C VAL A 39 24.94 24.31 -27.28
N ARG A 40 24.04 24.92 -28.06
CA ARG A 40 24.46 25.81 -29.16
C ARG A 40 25.33 26.97 -28.69
N LYS A 41 25.09 27.44 -27.47
CA LYS A 41 25.91 28.51 -26.81
C LYS A 41 27.06 27.96 -25.97
N GLY A 42 27.39 26.68 -26.13
CA GLY A 42 28.56 26.12 -25.48
C GLY A 42 28.38 25.51 -24.09
N GLU A 43 27.13 25.26 -23.70
CA GLU A 43 26.84 24.49 -22.49
C GLU A 43 27.49 23.10 -22.59
N THR A 44 28.30 22.75 -21.59
CA THR A 44 29.06 21.48 -21.67
C THR A 44 28.34 20.33 -20.97
N GLY A 45 27.44 20.70 -20.06
CA GLY A 45 26.79 19.75 -19.16
C GLY A 45 27.68 19.32 -18.00
N TYR A 46 28.85 19.94 -17.84
CA TYR A 46 29.82 19.46 -16.87
C TYR A 46 29.54 19.91 -15.45
N ILE A 47 29.94 19.05 -14.51
CA ILE A 47 29.91 19.32 -13.07
C ILE A 47 31.35 19.28 -12.55
N PRO A 48 32.05 20.43 -12.57
CA PRO A 48 33.47 20.46 -12.19
C PRO A 48 33.64 20.19 -10.70
N GLU A 49 34.70 19.46 -10.35
CA GLU A 49 34.98 19.08 -8.95
C GLU A 49 34.81 20.24 -8.00
N LYS A 50 35.17 21.43 -8.46
CA LYS A 50 35.17 22.61 -7.61
C LYS A 50 33.77 23.19 -7.34
N SER A 51 32.76 22.59 -7.99
CA SER A 51 31.36 23.01 -7.87
C SER A 51 30.58 22.18 -6.85
N ILE A 52 31.23 21.14 -6.35
CA ILE A 52 30.58 20.20 -5.47
C ILE A 52 31.44 19.82 -4.28
N SER A 53 30.77 19.24 -3.29
CA SER A 53 31.39 18.76 -2.06
C SER A 53 31.01 17.29 -1.94
N PRO A 54 31.89 16.48 -1.33
CA PRO A 54 31.55 15.06 -1.15
C PRO A 54 30.45 14.80 -0.10
N VAL A 55 29.64 13.78 -0.36
CA VAL A 55 28.70 13.23 0.62
C VAL A 55 29.44 12.27 1.56
N GLU A 56 29.58 12.70 2.81
CA GLU A 56 30.42 12.02 3.80
C GLU A 56 29.68 10.94 4.59
N SER A 57 28.37 11.05 4.66
CA SER A 57 27.58 10.10 5.40
C SER A 57 26.18 9.98 4.79
N LEU A 58 25.57 8.80 4.97
CA LEU A 58 24.19 8.51 4.59
C LEU A 58 23.52 7.44 5.47
N PRO A 59 22.17 7.44 5.58
CA PRO A 59 21.47 6.41 6.33
C PRO A 59 21.63 5.07 5.65
N PHE A 60 21.74 4.02 6.45
CA PHE A 60 21.86 2.67 5.99
C PHE A 60 20.51 2.01 6.13
N LEU A 61 20.24 1.06 5.24
CA LEU A 61 18.96 0.32 5.20
C LEU A 61 18.61 -0.43 6.50
N GLN A 62 19.61 -1.05 7.13
CA GLN A 62 19.40 -1.78 8.40
C GLN A 62 18.86 -0.88 9.50
N GLY A 63 19.47 0.30 9.62
CA GLY A 63 18.93 1.34 10.49
C GLY A 63 17.47 1.58 10.20
N ILE A 64 17.16 2.08 9.00
CA ILE A 64 15.87 2.74 8.71
C ILE A 64 14.64 1.84 8.56
N GLU A 65 14.88 0.53 8.34
CA GLU A 65 13.80 -0.44 8.15
C GLU A 65 13.31 -1.09 9.46
N THR A 66 12.05 -1.54 9.47
CA THR A 66 11.50 -2.21 10.64
C THR A 66 10.94 -3.59 10.26
N LYS A 67 10.61 -4.41 11.26
CA LYS A 67 9.87 -5.66 11.02
C LYS A 67 8.41 -5.33 10.60
N GLY A 68 7.78 -6.27 9.90
CA GLY A 68 6.39 -6.11 9.48
C GLY A 68 6.37 -5.44 8.13
N GLU A 69 5.31 -5.69 7.35
CA GLU A 69 5.12 -5.00 6.07
C GLU A 69 3.70 -4.45 5.96
N ASN A 70 3.58 -3.33 5.27
CA ASN A 70 2.30 -2.76 4.96
C ASN A 70 1.94 -3.24 3.56
N THR A 71 1.24 -4.39 3.48
CA THR A 71 0.83 -4.98 2.17
C THR A 71 -0.05 -4.03 1.36
N ALA A 72 -0.80 -3.16 2.03
CA ALA A 72 -1.56 -2.09 1.36
C ALA A 72 -0.70 -1.22 0.42
N LEU A 73 0.54 -0.94 0.81
CA LEU A 73 1.53 -0.27 -0.07
C LEU A 73 2.00 -1.09 -1.27
N LEU A 74 2.27 -2.38 -1.06
CA LEU A 74 2.66 -3.24 -2.18
C LEU A 74 1.55 -3.29 -3.23
N ARG A 75 0.30 -3.30 -2.76
CA ARG A 75 -0.84 -3.22 -3.65
C ARG A 75 -0.83 -1.92 -4.47
N GLN A 76 -0.11 -0.91 -4.00
CA GLN A 76 0.03 0.36 -4.76
C GLN A 76 1.27 0.44 -5.68
N ALA A 77 2.07 -0.63 -5.66
CA ALA A 77 3.39 -0.62 -6.30
C ALA A 77 3.39 -1.21 -7.73
N VAL A 78 4.32 -0.74 -8.56
CA VAL A 78 4.40 -1.06 -9.98
C VAL A 78 5.90 -1.16 -10.28
N VAL A 79 6.27 -2.08 -11.15
CA VAL A 79 7.69 -2.28 -11.49
C VAL A 79 7.92 -1.83 -12.91
N LEU A 80 9.02 -1.08 -13.09
CA LEU A 80 9.52 -0.73 -14.42
C LEU A 80 10.98 -1.14 -14.50
N LYS A 81 11.31 -1.86 -15.57
CA LYS A 81 12.71 -2.15 -15.88
C LYS A 81 13.10 -1.34 -17.11
N LEU A 82 14.17 -0.54 -16.99
CA LEU A 82 14.69 0.25 -18.12
C LEU A 82 15.27 -0.72 -19.18
N ASN A 83 14.98 -0.45 -20.45
CA ASN A 83 15.36 -1.37 -21.54
C ASN A 83 15.58 -0.64 -22.88
N GLY A 84 15.92 0.66 -22.80
CA GLY A 84 15.89 1.56 -23.96
C GLY A 84 17.26 1.92 -24.52
N GLY A 85 18.32 1.58 -23.82
CA GLY A 85 19.67 1.95 -24.27
C GLY A 85 20.14 1.09 -25.42
N LEU A 86 21.20 1.53 -26.07
CA LEU A 86 21.62 0.94 -27.33
C LEU A 86 22.85 0.08 -27.15
N GLY A 87 23.48 0.20 -25.99
CA GLY A 87 24.64 -0.62 -25.65
C GLY A 87 25.83 -0.39 -26.55
N THR A 88 26.01 0.86 -26.96
CA THR A 88 27.04 1.16 -27.96
C THR A 88 28.43 1.01 -27.36
N GLY A 89 28.56 1.34 -26.07
CA GLY A 89 29.77 1.12 -25.27
C GLY A 89 30.33 -0.30 -25.36
N MET A 90 29.44 -1.29 -25.41
CA MET A 90 29.86 -2.69 -25.64
C MET A 90 29.74 -3.15 -27.10
N GLY A 91 29.50 -2.21 -28.01
CA GLY A 91 29.47 -2.50 -29.45
C GLY A 91 28.22 -3.21 -29.94
N LEU A 92 27.09 -2.90 -29.29
CA LEU A 92 25.80 -3.47 -29.65
C LEU A 92 24.96 -2.47 -30.44
N ASN A 93 24.07 -2.96 -31.27
CA ASN A 93 23.11 -2.03 -31.88
C ASN A 93 21.66 -2.36 -31.51
N GLY A 94 21.44 -2.51 -30.22
CA GLY A 94 20.16 -3.02 -29.74
C GLY A 94 20.24 -3.42 -28.28
N PRO A 95 19.25 -4.18 -27.80
CA PRO A 95 19.07 -4.42 -26.37
C PRO A 95 20.13 -5.33 -25.73
N LYS A 96 20.92 -4.76 -24.80
CA LYS A 96 21.86 -5.53 -23.97
C LYS A 96 21.16 -6.59 -23.13
N SER A 97 19.88 -6.42 -22.84
CA SER A 97 19.12 -7.41 -22.05
C SER A 97 19.00 -8.78 -22.74
N LEU A 98 19.17 -8.82 -24.08
CA LEU A 98 19.10 -10.06 -24.85
C LEU A 98 20.46 -10.78 -24.86
N LEU A 99 21.41 -10.19 -24.14
CA LEU A 99 22.71 -10.86 -23.92
C LEU A 99 22.59 -12.10 -22.99
N GLN A 100 23.27 -13.18 -23.34
CA GLN A 100 23.27 -14.39 -22.49
C GLN A 100 24.07 -14.09 -21.23
N VAL A 101 23.55 -14.59 -20.10
CA VAL A 101 24.12 -14.32 -18.78
C VAL A 101 24.63 -15.62 -18.10
N LYS A 102 23.73 -16.58 -17.90
CA LYS A 102 24.06 -17.91 -17.34
C LYS A 102 23.09 -18.91 -17.95
N ASN A 103 23.54 -20.14 -18.18
CA ASN A 103 22.64 -21.24 -18.56
C ASN A 103 21.82 -21.07 -19.86
N GLY A 104 22.29 -20.23 -20.78
CA GLY A 104 21.46 -19.84 -21.93
C GLY A 104 20.32 -18.90 -21.55
N GLN A 105 20.35 -18.39 -20.32
CA GLN A 105 19.39 -17.36 -19.88
C GLN A 105 19.97 -15.96 -20.09
N THR A 106 19.19 -15.11 -20.73
CA THR A 106 19.57 -13.70 -20.96
C THR A 106 19.21 -12.87 -19.72
N PHE A 107 19.49 -11.58 -19.77
CA PHE A 107 19.14 -10.64 -18.68
C PHE A 107 17.60 -10.66 -18.61
N LEU A 108 16.94 -10.78 -19.77
CA LEU A 108 15.49 -10.65 -19.85
C LEU A 108 14.77 -11.90 -19.33
N ASP A 109 15.36 -13.06 -19.56
CA ASP A 109 14.98 -14.32 -18.89
C ASP A 109 14.94 -14.12 -17.39
N PHE A 110 16.08 -13.73 -16.81
CA PHE A 110 16.15 -13.43 -15.35
C PHE A 110 15.13 -12.42 -14.82
N THR A 111 14.87 -11.34 -15.59
CA THR A 111 13.83 -10.35 -15.27
C THR A 111 12.40 -10.95 -15.29
N ALA A 112 12.09 -11.71 -16.35
CA ALA A 112 10.80 -12.40 -16.47
C ALA A 112 10.56 -13.46 -15.38
N LEU A 113 11.63 -14.17 -15.02
CA LEU A 113 11.57 -15.21 -14.01
C LEU A 113 11.49 -14.66 -12.59
N GLN A 114 12.20 -13.54 -12.35
CA GLN A 114 12.13 -12.80 -11.08
C GLN A 114 10.70 -12.32 -10.81
N LEU A 115 10.06 -11.79 -11.86
CA LEU A 115 8.73 -11.18 -11.75
C LEU A 115 7.73 -12.25 -11.43
N GLU A 116 7.84 -13.36 -12.17
CA GLU A 116 6.99 -14.52 -12.02
C GLU A 116 7.14 -15.09 -10.61
N HIS A 117 8.38 -15.16 -10.08
CA HIS A 117 8.60 -15.63 -8.69
C HIS A 117 7.93 -14.70 -7.68
N PHE A 118 8.09 -13.39 -7.89
CA PHE A 118 7.51 -12.36 -7.02
C PHE A 118 5.99 -12.49 -6.97
N ARG A 119 5.36 -12.47 -8.14
CA ARG A 119 3.91 -12.65 -8.26
C ARG A 119 3.36 -13.95 -7.64
N GLN A 120 4.04 -15.07 -7.87
CA GLN A 120 3.65 -16.37 -7.28
C GLN A 120 3.71 -16.31 -5.74
N VAL A 121 4.93 -16.14 -5.22
CA VAL A 121 5.21 -16.18 -3.77
C VAL A 121 4.30 -15.27 -2.95
N ARG A 122 4.09 -14.05 -3.44
CA ARG A 122 3.30 -13.07 -2.72
C ARG A 122 1.81 -13.09 -3.08
N ASN A 123 1.43 -13.97 -4.01
CA ASN A 123 0.08 -14.01 -4.58
C ASN A 123 -0.44 -12.61 -4.88
N CYS A 124 0.32 -11.86 -5.69
CA CYS A 124 0.00 -10.47 -5.98
C CYS A 124 0.47 -10.15 -7.39
N ASN A 125 -0.48 -9.84 -8.27
CA ASN A 125 -0.21 -9.60 -9.72
C ASN A 125 0.37 -8.18 -9.97
N VAL A 126 1.55 -7.91 -9.43
CA VAL A 126 2.18 -6.58 -9.49
C VAL A 126 2.41 -6.16 -10.96
N PRO A 127 1.94 -4.95 -11.34
CA PRO A 127 2.15 -4.48 -12.69
C PRO A 127 3.63 -4.37 -13.05
N PHE A 128 3.92 -4.65 -14.32
CA PHE A 128 5.30 -4.69 -14.82
C PHE A 128 5.38 -4.06 -16.19
N MET A 129 6.44 -3.27 -16.40
CA MET A 129 6.64 -2.51 -17.63
C MET A 129 8.13 -2.54 -17.99
N LEU A 130 8.40 -2.37 -19.26
CA LEU A 130 9.76 -2.31 -19.78
C LEU A 130 9.76 -1.04 -20.64
N MET A 131 10.67 -0.13 -20.33
CA MET A 131 10.83 1.04 -21.15
C MET A 131 11.74 0.72 -22.30
N ASN A 132 11.15 0.69 -23.49
CA ASN A 132 11.87 0.36 -24.72
C ASN A 132 12.08 1.60 -25.57
N SER A 133 13.08 1.57 -26.45
CA SER A 133 13.30 2.62 -27.46
C SER A 133 13.06 2.03 -28.85
N PHE A 134 13.19 2.86 -29.89
CA PHE A 134 13.06 2.41 -31.28
C PHE A 134 14.01 1.23 -31.58
N SER A 135 15.17 1.21 -30.90
CA SER A 135 16.25 0.24 -31.14
C SER A 135 16.06 -1.11 -30.42
N THR A 136 15.22 -1.13 -29.39
CA THR A 136 15.07 -2.30 -28.55
C THR A 136 13.68 -2.93 -28.57
N SER A 137 12.67 -2.19 -29.00
CA SER A 137 11.27 -2.65 -28.90
C SER A 137 10.94 -3.96 -29.61
N GLY A 138 11.26 -4.02 -30.92
CA GLY A 138 10.96 -5.19 -31.77
C GLY A 138 11.63 -6.50 -31.36
N GLU A 139 12.94 -6.44 -31.14
CA GLU A 139 13.71 -7.58 -30.63
C GLU A 139 13.24 -8.09 -29.27
N THR A 140 12.93 -7.14 -28.37
CA THR A 140 12.39 -7.43 -27.06
C THR A 140 11.03 -8.11 -27.16
N LYS A 141 10.15 -7.53 -27.98
CA LYS A 141 8.83 -8.11 -28.18
C LYS A 141 8.94 -9.55 -28.68
N ASN A 142 9.79 -9.77 -29.70
CA ASN A 142 9.88 -11.11 -30.29
C ASN A 142 10.50 -12.11 -29.32
N PHE A 143 11.52 -11.67 -28.57
CA PHE A 143 12.07 -12.49 -27.48
C PHE A 143 11.01 -12.96 -26.48
N LEU A 144 10.15 -12.05 -26.07
CA LEU A 144 9.13 -12.39 -25.07
C LEU A 144 8.03 -13.37 -25.51
N ARG A 145 8.07 -13.83 -26.78
CA ARG A 145 7.20 -14.92 -27.23
C ARG A 145 7.33 -16.14 -26.33
N LYS A 146 8.56 -16.38 -25.86
CA LYS A 146 8.90 -17.36 -24.84
C LYS A 146 8.11 -17.22 -23.54
N TYR A 147 7.69 -15.99 -23.20
CA TYR A 147 6.87 -15.75 -21.99
C TYR A 147 5.46 -15.26 -22.34
N PRO A 148 4.55 -16.20 -22.70
CA PRO A 148 3.18 -15.81 -23.07
C PRO A 148 2.47 -14.90 -22.07
N THR A 149 2.73 -15.06 -20.77
CA THR A 149 2.15 -14.20 -19.71
C THR A 149 2.42 -12.73 -20.03
N LEU A 150 3.64 -12.47 -20.48
CA LEU A 150 4.09 -11.13 -20.85
C LEU A 150 3.71 -10.76 -22.28
N TYR A 151 3.97 -11.68 -23.23
CA TYR A 151 3.72 -11.44 -24.67
C TYR A 151 2.28 -11.02 -25.00
N GLU A 152 1.30 -11.74 -24.43
CA GLU A 152 -0.10 -11.50 -24.75
C GLU A 152 -0.62 -10.14 -24.28
N VAL A 153 0.15 -9.47 -23.42
CA VAL A 153 -0.18 -8.11 -22.93
C VAL A 153 0.98 -7.11 -23.12
N PHE A 154 1.94 -7.48 -23.97
CA PHE A 154 3.09 -6.63 -24.25
C PHE A 154 2.72 -5.21 -24.76
N ASP A 155 1.96 -5.10 -25.84
CA ASP A 155 1.56 -3.79 -26.34
C ASP A 155 0.69 -3.00 -25.32
N SER A 156 -0.35 -3.64 -24.78
CA SER A 156 -1.32 -2.92 -23.95
C SER A 156 -0.85 -2.60 -22.52
N ASP A 157 -0.03 -3.48 -21.93
CA ASP A 157 0.37 -3.32 -20.52
C ASP A 157 1.90 -3.15 -20.28
N ILE A 158 2.72 -3.92 -20.98
CA ILE A 158 4.12 -4.04 -20.65
C ILE A 158 4.98 -2.90 -21.23
N GLU A 159 4.79 -2.58 -22.51
CA GLU A 159 5.69 -1.64 -23.13
C GLU A 159 5.43 -0.21 -22.72
N LEU A 160 6.52 0.51 -22.44
CA LEU A 160 6.53 1.97 -22.33
C LEU A 160 7.54 2.45 -23.37
N MET A 161 7.04 2.97 -24.48
CA MET A 161 7.92 3.42 -25.54
C MET A 161 8.40 4.83 -25.24
N GLN A 162 9.71 4.98 -25.14
CA GLN A 162 10.28 6.27 -24.89
C GLN A 162 10.43 7.03 -26.22
N ASN A 163 10.94 8.24 -26.12
CA ASN A 163 11.16 9.09 -27.26
C ASN A 163 12.51 8.79 -27.91
N ARG A 164 12.72 9.44 -29.05
CA ARG A 164 14.02 9.53 -29.73
C ARG A 164 14.30 10.94 -30.18
N VAL A 165 15.60 11.25 -30.25
CA VAL A 165 16.06 12.57 -30.54
C VAL A 165 17.20 12.47 -31.58
N PRO A 166 17.32 13.47 -32.46
CA PRO A 166 18.45 13.28 -33.39
C PRO A 166 19.80 13.57 -32.73
N LYS A 167 20.83 12.84 -33.15
CA LYS A 167 22.22 13.19 -32.87
C LYS A 167 22.45 14.47 -33.67
N ILE A 168 23.20 15.41 -33.12
CA ILE A 168 23.35 16.71 -33.79
C ILE A 168 24.86 16.94 -34.04
N ARG A 169 25.22 17.57 -35.16
CA ARG A 169 26.63 17.76 -35.52
C ARG A 169 27.32 18.65 -34.48
N GLN A 170 28.54 18.30 -34.10
CA GLN A 170 29.28 19.12 -33.12
C GLN A 170 29.61 20.54 -33.63
N ASP A 171 29.77 20.67 -34.96
CA ASP A 171 30.11 21.98 -35.58
C ASP A 171 28.96 22.97 -35.75
N ASN A 172 27.86 22.53 -36.37
CA ASN A 172 26.76 23.47 -36.64
C ASN A 172 25.41 23.15 -35.96
N PHE A 173 25.40 22.08 -35.17
CA PHE A 173 24.23 21.63 -34.36
C PHE A 173 22.97 21.19 -35.15
N PHE A 174 23.13 21.03 -36.45
CA PHE A 174 22.05 20.47 -37.28
C PHE A 174 21.89 18.98 -37.01
N PRO A 175 20.69 18.41 -37.22
CA PRO A 175 20.69 16.94 -37.08
C PRO A 175 21.60 16.32 -38.14
N VAL A 176 22.33 15.30 -37.74
CA VAL A 176 23.26 14.59 -38.58
C VAL A 176 22.49 13.81 -39.63
N THR A 177 23.10 13.66 -40.79
CA THR A 177 22.65 12.71 -41.81
C THR A 177 23.68 11.57 -41.92
N TYR A 178 23.17 10.33 -41.98
CA TYR A 178 23.99 9.14 -42.17
C TYR A 178 23.30 8.15 -43.15
N GLU A 179 23.43 8.44 -44.44
CA GLU A 179 22.78 7.71 -45.55
C GLU A 179 22.99 6.19 -45.54
N ALA A 180 24.21 5.76 -45.25
CA ALA A 180 24.54 4.33 -45.09
C ALA A 180 23.64 3.59 -44.09
N ASP A 181 23.26 4.25 -43.00
CA ASP A 181 22.36 3.68 -41.97
C ASP A 181 21.69 4.84 -41.22
N PRO A 182 20.54 5.30 -41.73
CA PRO A 182 19.78 6.43 -41.19
C PRO A 182 19.36 6.22 -39.75
N THR A 183 19.36 4.95 -39.32
CA THR A 183 19.12 4.52 -37.95
C THR A 183 20.15 5.15 -36.97
N CYS A 184 21.40 5.31 -37.42
CA CYS A 184 22.45 5.96 -36.65
C CYS A 184 22.24 7.46 -36.41
N GLU A 185 21.23 8.06 -37.08
CA GLU A 185 20.91 9.50 -36.97
C GLU A 185 20.15 9.89 -35.68
N TRP A 186 19.76 8.88 -34.90
CA TRP A 186 18.87 9.02 -33.77
C TRP A 186 19.43 8.36 -32.52
N VAL A 187 19.11 8.90 -31.34
CA VAL A 187 19.32 8.21 -30.03
C VAL A 187 18.18 8.44 -29.06
N PRO A 188 17.84 7.42 -28.22
CA PRO A 188 16.92 7.63 -27.09
C PRO A 188 17.58 8.68 -26.18
N PRO A 189 16.79 9.61 -25.61
CA PRO A 189 17.40 10.75 -24.90
C PRO A 189 17.84 10.52 -23.44
N GLY A 190 18.12 9.26 -23.06
CA GLY A 190 18.54 8.90 -21.69
C GLY A 190 17.36 8.30 -20.96
N HIS A 191 17.61 7.52 -19.92
CA HIS A 191 16.59 7.04 -18.99
C HIS A 191 15.90 8.17 -18.17
N GLY A 192 16.49 9.37 -18.09
CA GLY A 192 15.81 10.53 -17.54
C GLY A 192 14.50 10.82 -18.24
N ASP A 193 14.37 10.28 -19.47
CA ASP A 193 13.23 10.42 -20.38
C ASP A 193 11.98 9.80 -19.77
N VAL A 194 12.16 8.86 -18.84
CA VAL A 194 11.04 8.14 -18.22
C VAL A 194 9.89 9.01 -17.68
N TYR A 195 10.20 10.15 -17.09
CA TYR A 195 9.19 10.95 -16.40
C TYR A 195 8.21 11.57 -17.41
N THR A 196 8.76 12.24 -18.41
CA THR A 196 7.96 12.80 -19.54
C THR A 196 7.22 11.74 -20.36
N VAL A 197 7.86 10.60 -20.58
CA VAL A 197 7.20 9.48 -21.26
C VAL A 197 5.99 8.96 -20.48
N LEU A 198 6.18 8.72 -19.18
CA LEU A 198 5.08 8.34 -18.28
C LEU A 198 3.93 9.35 -18.31
N TYR A 199 4.28 10.63 -18.28
CA TYR A 199 3.31 11.74 -18.24
C TYR A 199 2.59 11.90 -19.57
N SER A 200 3.38 12.05 -20.63
CA SER A 200 2.79 12.32 -21.94
CA SER A 200 2.86 12.30 -21.99
C SER A 200 2.12 11.13 -22.61
N SER A 201 2.47 9.90 -22.21
CA SER A 201 1.83 8.70 -22.80
C SER A 201 0.42 8.44 -22.26
N GLY A 202 0.15 8.94 -21.06
CA GLY A 202 -1.13 8.66 -20.38
C GLY A 202 -1.01 7.43 -19.50
N LYS A 203 0.18 6.83 -19.45
CA LYS A 203 0.42 5.69 -18.55
C LYS A 203 0.35 6.15 -17.09
N LEU A 204 0.91 7.32 -16.78
CA LEU A 204 0.89 7.84 -15.41
C LEU A 204 -0.55 8.04 -14.89
N ASP A 205 -1.37 8.78 -15.64
CA ASP A 205 -2.80 8.92 -15.34
C ASP A 205 -3.55 7.59 -15.26
N TYR A 206 -3.23 6.67 -16.16
CA TYR A 206 -3.81 5.34 -16.14
C TYR A 206 -3.49 4.58 -14.84
N LEU A 207 -2.21 4.46 -14.50
CA LEU A 207 -1.77 3.82 -13.22
C LEU A 207 -2.37 4.45 -11.94
N LEU A 208 -2.34 5.78 -11.85
CA LEU A 208 -2.98 6.51 -10.74
C LEU A 208 -4.48 6.28 -10.65
N GLY A 209 -5.14 6.14 -11.80
CA GLY A 209 -6.58 5.86 -11.83
C GLY A 209 -6.93 4.48 -11.31
N LYS A 210 -6.00 3.54 -11.41
CA LYS A 210 -6.23 2.20 -10.85
C LYS A 210 -5.71 2.12 -9.38
N GLY A 211 -5.20 3.24 -8.87
CA GLY A 211 -4.92 3.35 -7.45
C GLY A 211 -3.44 3.13 -7.14
N TYR A 212 -2.63 2.90 -8.17
CA TYR A 212 -1.18 2.78 -7.98
C TYR A 212 -0.57 4.16 -7.64
N ARG A 213 0.38 4.18 -6.70
CA ARG A 213 1.00 5.40 -6.21
C ARG A 213 2.53 5.33 -6.19
N TYR A 214 3.09 4.14 -6.35
CA TYR A 214 4.54 3.95 -6.25
C TYR A 214 5.10 3.11 -7.38
N MET A 215 6.29 3.50 -7.83
CA MET A 215 6.96 2.80 -8.89
C MET A 215 8.40 2.51 -8.51
N PHE A 216 8.77 1.24 -8.61
CA PHE A 216 10.16 0.81 -8.51
C PHE A 216 10.81 0.65 -9.89
N ILE A 217 11.86 1.42 -10.11
CA ILE A 217 12.61 1.44 -11.38
C ILE A 217 14.04 1.01 -11.14
N SER A 218 14.55 0.17 -12.05
CA SER A 218 15.95 -0.28 -12.06
C SER A 218 16.45 -0.57 -13.49
N ASN A 219 17.77 -0.61 -13.62
CA ASN A 219 18.47 -0.89 -14.84
C ASN A 219 18.16 -2.27 -15.38
N GLY A 220 17.91 -2.38 -16.68
CA GLY A 220 17.77 -3.73 -17.28
C GLY A 220 18.95 -4.69 -17.10
N ASP A 221 20.14 -4.15 -16.94
CA ASP A 221 21.39 -4.92 -16.73
C ASP A 221 21.64 -5.36 -15.26
N ASN A 222 20.84 -4.83 -14.34
CA ASN A 222 21.03 -5.08 -12.90
C ASN A 222 20.05 -6.12 -12.40
N LEU A 223 20.52 -7.36 -12.32
CA LEU A 223 19.65 -8.48 -11.96
C LEU A 223 19.67 -8.67 -10.45
N GLY A 224 20.24 -7.72 -9.74
CA GLY A 224 20.20 -7.74 -8.26
C GLY A 224 19.05 -6.94 -7.66
N ALA A 225 18.47 -6.05 -8.47
CA ALA A 225 17.42 -5.13 -8.05
C ALA A 225 16.24 -5.89 -7.44
N THR A 226 15.75 -5.40 -6.31
CA THR A 226 14.66 -6.05 -5.59
C THR A 226 13.62 -5.02 -5.14
N LEU A 227 12.36 -5.34 -5.34
CA LEU A 227 11.31 -4.59 -4.68
C LEU A 227 11.33 -4.94 -3.17
N ASP A 228 11.76 -4.02 -2.33
CA ASP A 228 11.82 -4.23 -0.87
C ASP A 228 10.61 -3.56 -0.27
N VAL A 229 9.61 -4.34 0.15
CA VAL A 229 8.44 -3.71 0.77
C VAL A 229 8.79 -2.91 2.07
N ARG A 230 9.82 -3.32 2.80
CA ARG A 230 10.25 -2.58 4.03
C ARG A 230 10.89 -1.20 3.72
N LEU A 231 11.47 -1.06 2.53
CA LEU A 231 11.99 0.21 2.06
C LEU A 231 10.86 1.05 1.48
N LEU A 232 9.97 0.38 0.78
CA LEU A 232 8.74 1.03 0.41
C LEU A 232 8.05 1.63 1.63
N ASP A 233 7.93 0.84 2.70
CA ASP A 233 7.27 1.24 3.96
C ASP A 233 7.94 2.53 4.48
N TYR A 234 9.27 2.53 4.51
CA TYR A 234 10.08 3.67 4.94
C TYR A 234 9.84 4.93 4.15
N MET A 235 9.86 4.80 2.83
CA MET A 235 9.66 5.91 1.91
C MET A 235 8.32 6.60 2.14
N HIS A 236 7.29 5.77 2.24
CA HIS A 236 5.94 6.22 2.59
C HIS A 236 5.81 6.92 3.98
N GLU A 237 6.43 6.34 5.00
CA GLU A 237 6.40 6.88 6.37
C GLU A 237 7.05 8.25 6.47
N LYS A 238 8.16 8.44 5.74
CA LYS A 238 8.82 9.73 5.62
C LYS A 238 8.21 10.63 4.53
N GLN A 239 7.11 10.16 3.92
CA GLN A 239 6.38 10.90 2.86
C GLN A 239 7.33 11.42 1.76
N LEU A 240 8.20 10.53 1.27
CA LEU A 240 9.19 10.87 0.25
C LEU A 240 8.59 10.78 -1.14
N GLY A 241 8.99 11.68 -2.04
CA GLY A 241 8.63 11.60 -3.44
C GLY A 241 9.58 10.72 -4.25
N PHE A 242 10.80 10.58 -3.73
CA PHE A 242 11.88 9.97 -4.46
C PHE A 242 12.87 9.39 -3.44
N LEU A 243 13.19 8.11 -3.61
CA LEU A 243 14.21 7.44 -2.87
C LEU A 243 15.19 6.78 -3.84
N MET A 244 16.47 7.12 -3.71
CA MET A 244 17.56 6.47 -4.47
C MET A 244 18.34 5.46 -3.63
N GLU A 245 18.49 4.22 -4.10
CA GLU A 245 19.36 3.27 -3.44
C GLU A 245 20.79 3.52 -3.93
N VAL A 246 21.75 3.64 -3.01
CA VAL A 246 23.18 3.73 -3.33
C VAL A 246 23.97 2.60 -2.65
N CYS A 247 25.16 2.28 -3.19
CA CYS A 247 26.07 1.36 -2.54
C CYS A 247 27.37 2.09 -2.15
N ARG A 248 28.00 1.61 -1.09
CA ARG A 248 29.41 1.90 -0.84
C ARG A 248 30.17 1.53 -2.13
N ARG A 249 30.69 2.56 -2.78
CA ARG A 249 31.44 2.40 -4.00
C ARG A 249 32.64 1.44 -3.80
N THR A 250 32.88 0.61 -4.82
CA THR A 250 34.02 -0.31 -4.89
C THR A 250 34.93 0.08 -6.05
N GLU A 251 36.09 -0.58 -6.14
CA GLU A 251 37.02 -0.33 -7.24
C GLU A 251 36.42 -0.65 -8.63
N SER A 252 35.45 -1.58 -8.69
CA SER A 252 34.74 -1.88 -9.93
C SER A 252 33.72 -0.80 -10.39
N ASP A 253 33.38 0.17 -9.54
CA ASP A 253 32.36 1.17 -9.94
C ASP A 253 33.06 2.35 -10.61
N LYS A 254 33.18 2.29 -11.95
CA LYS A 254 33.97 3.27 -12.70
C LYS A 254 33.12 4.11 -13.65
N LYS A 255 32.03 3.50 -14.11
CA LYS A 255 31.08 4.12 -15.03
C LYS A 255 29.66 4.14 -14.43
N GLY A 256 29.10 5.34 -14.38
CA GLY A 256 27.76 5.57 -13.85
C GLY A 256 27.82 6.91 -13.14
N GLY A 257 27.10 7.04 -12.01
CA GLY A 257 27.10 8.27 -11.26
C GLY A 257 27.31 8.15 -9.76
N HIS A 258 28.01 9.12 -9.19
CA HIS A 258 28.11 9.25 -7.72
C HIS A 258 27.34 10.48 -7.26
N LEU A 259 26.93 10.42 -6.00
CA LEU A 259 26.27 11.52 -5.33
C LEU A 259 27.29 12.53 -4.85
N ALA A 260 26.84 13.78 -4.79
CA ALA A 260 27.64 14.84 -4.21
C ALA A 260 26.64 15.86 -3.69
N TYR A 261 27.16 16.96 -3.19
CA TYR A 261 26.36 18.02 -2.60
C TYR A 261 26.69 19.33 -3.29
N LYS A 262 25.71 20.21 -3.38
CA LYS A 262 25.93 21.59 -3.88
C LYS A 262 25.21 22.59 -2.99
N ASP A 263 25.80 23.77 -2.82
CA ASP A 263 25.16 24.83 -2.05
C ASP A 263 24.27 25.76 -2.92
N THR A 272 21.39 29.20 1.66
CA THR A 272 22.44 28.64 0.81
C THR A 272 22.44 27.11 0.90
N ARG A 273 21.30 26.55 1.31
CA ARG A 273 21.16 25.14 1.73
C ARG A 273 21.74 24.06 0.81
N ARG A 274 22.16 22.96 1.42
CA ARG A 274 22.65 21.76 0.76
C ARG A 274 21.59 21.05 -0.07
N ARG A 275 21.93 20.72 -1.32
CA ARG A 275 21.06 19.88 -2.14
C ARG A 275 21.92 18.77 -2.74
N PHE A 276 21.32 17.61 -2.95
CA PHE A 276 21.98 16.51 -3.62
C PHE A 276 22.25 16.86 -5.08
N VAL A 277 23.36 16.35 -5.61
CA VAL A 277 23.61 16.35 -7.04
C VAL A 277 24.10 14.96 -7.47
N LEU A 278 23.74 14.58 -8.68
CA LEU A 278 24.22 13.34 -9.26
C LEU A 278 25.23 13.74 -10.32
N ARG A 279 26.47 13.28 -10.19
CA ARG A 279 27.42 13.51 -11.28
C ARG A 279 27.68 12.20 -12.05
N GLU A 280 27.15 12.16 -13.28
CA GLU A 280 27.33 11.01 -14.20
C GLU A 280 28.70 11.05 -14.87
N SER A 281 29.12 9.92 -15.44
CA SER A 281 30.34 9.88 -16.26
C SER A 281 30.40 10.98 -17.33
N ALA A 282 29.29 11.16 -18.05
CA ALA A 282 29.17 12.14 -19.12
C ALA A 282 29.21 13.61 -18.63
N GLN A 283 29.10 13.81 -17.32
CA GLN A 283 29.09 15.15 -16.72
C GLN A 283 30.45 15.49 -16.12
N CYS A 284 31.38 14.55 -16.22
CA CYS A 284 32.68 14.73 -15.61
C CYS A 284 33.71 15.19 -16.64
N PRO A 285 34.23 16.42 -16.45
CA PRO A 285 35.23 16.98 -17.35
C PRO A 285 36.51 16.16 -17.30
N LYS A 286 37.16 16.04 -18.44
CA LYS A 286 38.39 15.27 -18.58
C LYS A 286 39.40 15.49 -17.42
N GLU A 287 39.68 16.76 -17.09
CA GLU A 287 40.64 17.12 -16.01
C GLU A 287 40.28 16.57 -14.61
N ASP A 288 39.01 16.15 -14.46
CA ASP A 288 38.49 15.69 -13.17
C ASP A 288 38.31 14.18 -13.04
N GLU A 289 38.80 13.41 -14.01
CA GLU A 289 38.63 11.95 -13.99
C GLU A 289 39.19 11.31 -12.71
N ASP A 290 40.36 11.77 -12.28
CA ASP A 290 41.02 11.27 -11.08
C ASP A 290 40.14 11.43 -9.83
N SER A 291 39.63 12.65 -9.61
CA SER A 291 38.60 12.89 -8.58
C SER A 291 37.34 12.02 -8.79
N PHE A 292 36.74 12.06 -9.99
CA PHE A 292 35.53 11.27 -10.24
C PHE A 292 35.75 9.82 -9.82
N GLN A 293 37.00 9.35 -9.94
CA GLN A 293 37.39 7.93 -9.70
C GLN A 293 38.04 7.67 -8.34
N ASN A 294 38.08 8.70 -7.50
CA ASN A 294 38.46 8.55 -6.10
C ASN A 294 37.27 7.93 -5.33
N ILE A 295 37.28 6.61 -5.11
CA ILE A 295 36.12 5.93 -4.52
C ILE A 295 35.97 6.21 -3.02
N ALA A 296 37.04 6.75 -2.43
CA ALA A 296 37.07 7.05 -1.00
C ALA A 296 36.44 8.42 -0.74
N LYS A 297 36.67 9.36 -1.66
CA LYS A 297 36.07 10.70 -1.60
C LYS A 297 34.59 10.69 -2.03
N HIS A 298 34.33 10.09 -3.19
CA HIS A 298 32.99 9.97 -3.73
C HIS A 298 32.58 8.51 -3.65
N CYS A 299 32.17 8.12 -2.44
CA CYS A 299 31.97 6.74 -1.98
C CYS A 299 30.54 6.21 -2.05
N PHE A 300 29.61 7.09 -2.43
CA PHE A 300 28.22 6.68 -2.57
C PHE A 300 27.78 6.65 -4.03
N PHE A 301 27.63 5.43 -4.55
CA PHE A 301 27.42 5.20 -5.98
C PHE A 301 25.97 4.83 -6.23
N ASN A 302 25.33 5.58 -7.13
CA ASN A 302 23.96 5.30 -7.55
C ASN A 302 23.79 3.92 -8.22
N THR A 303 22.89 3.10 -7.68
CA THR A 303 22.54 1.79 -8.22
C THR A 303 21.55 1.95 -9.38
N ASN A 304 20.88 3.11 -9.43
CA ASN A 304 19.74 3.40 -10.35
C ASN A 304 18.48 2.56 -9.99
N ASN A 305 18.51 1.88 -8.85
CA ASN A 305 17.32 1.35 -8.20
C ASN A 305 16.65 2.57 -7.54
N ILE A 306 15.61 3.08 -8.19
CA ILE A 306 14.91 4.31 -7.72
C ILE A 306 13.42 4.09 -7.53
N TRP A 307 12.92 4.50 -6.36
CA TRP A 307 11.49 4.54 -6.03
C TRP A 307 10.92 5.92 -6.25
N ILE A 308 9.82 5.97 -6.98
CA ILE A 308 9.12 7.22 -7.12
C ILE A 308 7.66 7.11 -6.63
N ASN A 309 7.19 8.18 -6.02
CA ASN A 309 5.79 8.36 -5.73
C ASN A 309 5.15 9.01 -6.97
N LEU A 310 4.18 8.31 -7.52
CA LEU A 310 3.59 8.61 -8.80
C LEU A 310 2.68 9.86 -8.76
N MET A 311 1.97 10.04 -7.65
CA MET A 311 1.14 11.22 -7.41
C MET A 311 2.01 12.46 -7.25
N GLU A 312 3.11 12.36 -6.49
CA GLU A 312 4.08 13.47 -6.43
C GLU A 312 4.62 13.81 -7.83
N LEU A 313 5.00 12.78 -8.60
CA LEU A 313 5.40 13.03 -9.99
C LEU A 313 4.30 13.75 -10.76
N LYS A 314 3.06 13.29 -10.59
CA LYS A 314 1.95 13.87 -11.32
C LYS A 314 1.83 15.35 -11.00
N LYS A 315 1.86 15.67 -9.70
CA LYS A 315 1.79 17.05 -9.18
C LYS A 315 2.94 17.93 -9.69
N MET A 316 4.15 17.37 -9.76
CA MET A 316 5.29 18.11 -10.30
C MET A 316 5.10 18.39 -11.79
N MET A 317 4.77 17.35 -12.56
CA MET A 317 4.64 17.47 -14.02
C MET A 317 3.57 18.50 -14.39
N ASP A 318 2.42 18.46 -13.72
CA ASP A 318 1.35 19.44 -13.90
C ASP A 318 1.86 20.84 -13.60
N GLU A 319 2.48 20.99 -12.43
CA GLU A 319 3.03 22.25 -11.96
C GLU A 319 4.00 22.86 -12.98
N GLN A 320 4.91 22.04 -13.48
CA GLN A 320 5.98 22.51 -14.37
C GLN A 320 5.61 22.39 -15.86
N LEU A 321 4.33 22.11 -16.13
CA LEU A 321 3.76 22.06 -17.49
C LEU A 321 4.46 21.02 -18.37
N GLY A 322 4.61 19.82 -17.81
CA GLY A 322 5.27 18.69 -18.48
C GLY A 322 6.77 18.79 -18.71
N VAL A 323 7.42 19.81 -18.14
CA VAL A 323 8.85 20.08 -18.40
C VAL A 323 9.72 20.07 -17.11
N LEU A 324 10.26 18.89 -16.77
CA LEU A 324 11.23 18.78 -15.66
C LEU A 324 12.58 19.41 -16.06
N ARG A 325 13.20 20.11 -15.09
CA ARG A 325 14.48 20.77 -15.32
C ARG A 325 15.63 19.82 -15.04
N LEU A 326 15.63 18.63 -15.63
CA LEU A 326 16.75 17.71 -15.49
C LEU A 326 17.98 18.29 -16.20
N PRO A 327 19.18 18.14 -15.61
CA PRO A 327 20.38 18.67 -16.28
C PRO A 327 20.75 17.90 -17.55
N VAL A 328 20.98 18.65 -18.62
CA VAL A 328 21.27 18.03 -19.91
C VAL A 328 22.74 17.63 -19.91
N MET A 329 23.01 16.43 -20.43
CA MET A 329 24.37 15.95 -20.54
C MET A 329 24.68 15.95 -22.03
N ARG A 330 25.83 16.49 -22.39
CA ARG A 330 26.17 16.73 -23.79
C ARG A 330 27.25 15.74 -24.13
N ASN A 331 26.82 14.62 -24.69
CA ASN A 331 27.66 13.43 -24.90
C ASN A 331 28.27 13.38 -26.31
N PRO A 332 29.59 13.61 -26.44
CA PRO A 332 30.22 13.66 -27.75
C PRO A 332 30.49 12.24 -28.26
N LYS A 333 30.20 11.97 -29.53
CA LYS A 333 30.35 10.66 -30.15
C LYS A 333 30.65 10.88 -31.64
N THR A 334 30.83 9.80 -32.37
CA THR A 334 30.74 9.85 -33.84
C THR A 334 29.39 9.23 -34.20
N VAL A 335 28.77 9.74 -35.27
CA VAL A 335 27.45 9.25 -35.72
C VAL A 335 27.36 7.72 -35.88
N ASN A 336 28.37 7.11 -36.48
CA ASN A 336 28.54 5.68 -36.39
C ASN A 336 29.57 5.43 -35.31
N PRO A 337 29.09 4.91 -34.16
CA PRO A 337 29.92 4.68 -32.98
C PRO A 337 31.12 3.80 -33.29
N GLN A 338 30.94 2.82 -34.17
CA GLN A 338 32.03 1.93 -34.59
C GLN A 338 33.10 2.57 -35.51
N ASP A 339 32.74 3.61 -36.27
CA ASP A 339 33.66 4.31 -37.20
C ASP A 339 34.15 5.68 -36.65
N SER A 340 35.38 5.69 -36.15
CA SER A 340 35.97 6.88 -35.51
C SER A 340 36.18 8.06 -36.48
N GLN A 341 35.98 7.83 -37.77
CA GLN A 341 36.20 8.86 -38.76
C GLN A 341 34.88 9.41 -39.27
N SER A 342 33.77 8.87 -38.77
CA SER A 342 32.45 9.38 -39.15
C SER A 342 32.18 10.67 -38.39
N THR A 343 31.25 11.46 -38.94
CA THR A 343 30.87 12.77 -38.41
C THR A 343 30.74 12.81 -36.88
N LYS A 344 31.46 13.75 -36.27
CA LYS A 344 31.41 13.99 -34.83
C LYS A 344 30.11 14.68 -34.42
N VAL A 345 29.46 14.12 -33.40
CA VAL A 345 28.13 14.57 -32.97
C VAL A 345 28.04 14.74 -31.46
N TYR A 346 26.91 15.24 -31.02
CA TYR A 346 26.60 15.37 -29.61
C TYR A 346 25.25 14.70 -29.37
N GLN A 347 25.20 13.81 -28.38
CA GLN A 347 23.95 13.23 -27.91
C GLN A 347 23.51 13.94 -26.63
N LEU A 348 22.34 14.57 -26.70
CA LEU A 348 21.76 15.27 -25.57
C LEU A 348 20.89 14.25 -24.81
N GLU A 349 21.16 14.10 -23.50
CA GLU A 349 20.59 13.02 -22.70
C GLU A 349 20.39 13.50 -21.28
N VAL A 350 19.38 12.96 -20.61
CA VAL A 350 19.19 13.12 -19.16
C VAL A 350 19.17 11.79 -18.39
N ALA A 351 19.47 11.86 -17.09
CA ALA A 351 19.52 10.66 -16.21
C ALA A 351 18.37 10.72 -15.18
N MET A 352 17.67 9.60 -14.98
CA MET A 352 16.50 9.61 -14.11
C MET A 352 16.91 9.94 -12.67
N GLY A 353 18.17 9.72 -12.33
CA GLY A 353 18.64 9.91 -10.95
C GLY A 353 18.72 11.39 -10.62
N ALA A 354 18.82 12.24 -11.65
CA ALA A 354 18.97 13.68 -11.46
C ALA A 354 17.70 14.36 -10.88
N ALA A 355 16.59 13.63 -10.89
CA ALA A 355 15.34 14.08 -10.25
C ALA A 355 15.46 14.09 -8.72
N ILE A 356 16.59 13.64 -8.21
CA ILE A 356 16.78 13.63 -6.75
C ILE A 356 16.70 15.04 -6.13
N SER A 357 17.13 16.08 -6.85
CA SER A 357 16.93 17.46 -6.32
C SER A 357 15.58 18.10 -6.68
N LEU A 358 14.86 17.51 -7.63
CA LEU A 358 13.65 18.13 -8.18
C LEU A 358 12.38 17.83 -7.37
N PHE A 359 12.34 16.65 -6.77
CA PHE A 359 11.24 16.25 -5.88
C PHE A 359 11.32 17.02 -4.57
N ASP A 360 10.15 17.37 -4.01
CA ASP A 360 10.11 18.12 -2.76
C ASP A 360 10.80 17.37 -1.62
N ARG A 361 10.50 16.08 -1.48
CA ARG A 361 11.10 15.29 -0.40
C ARG A 361 11.81 14.07 -1.01
N SER A 362 13.13 14.10 -0.97
CA SER A 362 13.91 13.06 -1.60
C SER A 362 15.00 12.58 -0.64
N GLU A 363 15.43 11.33 -0.80
CA GLU A 363 16.47 10.77 0.05
C GLU A 363 17.29 9.74 -0.73
N ALA A 364 18.53 9.55 -0.28
CA ALA A 364 19.34 8.44 -0.73
C ALA A 364 19.67 7.57 0.50
N VAL A 365 19.64 6.25 0.33
CA VAL A 365 19.95 5.29 1.41
C VAL A 365 20.99 4.28 0.96
N VAL A 366 21.94 3.93 1.83
CA VAL A 366 22.93 2.91 1.45
C VAL A 366 22.37 1.48 1.58
N VAL A 367 22.43 0.72 0.49
CA VAL A 367 21.86 -0.63 0.47
C VAL A 367 23.01 -1.63 0.32
N PRO A 368 22.80 -2.89 0.76
CA PRO A 368 23.84 -3.88 0.56
C PRO A 368 24.17 -4.11 -0.93
N ARG A 369 25.44 -4.42 -1.22
CA ARG A 369 25.85 -4.72 -2.59
C ARG A 369 25.02 -5.80 -3.25
N GLU A 370 24.30 -6.65 -2.50
CA GLU A 370 23.61 -7.73 -3.21
CA GLU A 370 23.53 -7.74 -3.13
C GLU A 370 22.41 -7.24 -4.04
N ARG A 371 22.10 -5.95 -3.94
CA ARG A 371 21.06 -5.34 -4.79
C ARG A 371 21.56 -4.68 -6.07
N PHE A 372 22.84 -4.85 -6.38
CA PHE A 372 23.49 -4.11 -7.46
C PHE A 372 24.60 -5.01 -8.09
N ALA A 373 24.28 -5.59 -9.26
CA ALA A 373 25.18 -6.37 -10.11
C ALA A 373 25.15 -5.72 -11.51
N PRO A 374 25.84 -4.57 -11.66
CA PRO A 374 25.72 -3.81 -12.91
C PRO A 374 26.52 -4.45 -14.04
N VAL A 375 26.04 -4.29 -15.26
CA VAL A 375 26.80 -4.61 -16.47
C VAL A 375 26.74 -3.42 -17.41
N LYS A 376 27.79 -2.57 -17.35
CA LYS A 376 27.97 -1.43 -18.22
C LYS A 376 28.98 -1.77 -19.32
N THR A 377 29.87 -2.71 -18.99
CA THR A 377 30.98 -3.08 -19.89
C THR A 377 31.12 -4.59 -20.03
N CYS A 378 31.99 -4.99 -20.95
CA CYS A 378 32.30 -6.40 -21.18
C CYS A 378 33.08 -6.98 -20.00
N SER A 379 33.88 -6.15 -19.31
CA SER A 379 34.50 -6.50 -18.02
C SER A 379 33.52 -6.87 -16.92
N ASP A 380 32.42 -6.13 -16.84
CA ASP A 380 31.31 -6.41 -15.95
C ASP A 380 30.61 -7.70 -16.32
N LEU A 381 30.44 -7.87 -17.63
CA LEU A 381 29.79 -9.06 -18.22
C LEU A 381 30.55 -10.33 -17.93
N LEU A 382 31.87 -10.26 -18.07
CA LEU A 382 32.77 -11.33 -17.66
C LEU A 382 32.53 -11.74 -16.20
N ALA A 383 32.41 -10.76 -15.31
CA ALA A 383 32.24 -11.03 -13.87
C ALA A 383 30.87 -11.69 -13.63
N LEU A 384 29.85 -11.19 -14.32
CA LEU A 384 28.50 -11.72 -14.16
C LEU A 384 28.36 -13.16 -14.63
N ARG A 385 29.00 -13.43 -15.77
CA ARG A 385 28.94 -14.74 -16.42
C ARG A 385 29.73 -15.75 -15.61
N SER A 386 30.73 -15.27 -14.87
CA SER A 386 31.55 -16.12 -14.02
C SER A 386 30.89 -16.50 -12.68
N ASP A 387 31.49 -17.48 -12.00
CA ASP A 387 31.04 -18.03 -10.71
C ASP A 387 31.20 -16.99 -9.55
N ALA A 388 31.70 -15.80 -9.87
CA ALA A 388 31.68 -14.70 -8.92
C ALA A 388 30.26 -14.28 -8.56
N TYR A 389 29.34 -14.51 -9.49
CA TYR A 389 27.92 -14.18 -9.30
C TYR A 389 27.09 -15.43 -9.31
N GLN A 390 26.04 -15.45 -8.49
CA GLN A 390 25.28 -16.65 -8.26
C GLN A 390 23.82 -16.34 -8.38
N VAL A 391 23.04 -17.33 -8.79
CA VAL A 391 21.59 -17.24 -8.85
C VAL A 391 20.95 -17.60 -7.49
N THR A 392 20.09 -16.72 -7.00
CA THR A 392 19.36 -16.94 -5.77
C THR A 392 17.98 -17.59 -6.00
N GLU A 393 17.36 -18.09 -4.94
CA GLU A 393 16.08 -18.77 -5.06
C GLU A 393 15.07 -17.85 -5.77
N ASP A 394 15.12 -16.56 -5.43
CA ASP A 394 14.19 -15.59 -6.01
C ASP A 394 14.66 -15.06 -7.39
N GLN A 395 15.61 -15.79 -7.99
CA GLN A 395 16.10 -15.57 -9.37
C GLN A 395 16.92 -14.30 -9.59
N ARG A 396 17.51 -13.76 -8.53
CA ARG A 396 18.37 -12.59 -8.67
C ARG A 396 19.79 -13.10 -8.91
N LEU A 397 20.64 -12.23 -9.43
CA LEU A 397 22.07 -12.50 -9.49
C LEU A 397 22.78 -11.65 -8.47
N VAL A 398 23.62 -12.30 -7.67
CA VAL A 398 24.26 -11.62 -6.52
C VAL A 398 25.73 -12.08 -6.39
N LEU A 399 26.56 -11.16 -5.93
CA LEU A 399 27.97 -11.44 -5.73
C LEU A 399 28.08 -12.55 -4.68
N CYS A 400 29.01 -13.47 -4.91
CA CYS A 400 29.32 -14.55 -3.99
C CYS A 400 29.80 -14.05 -2.63
N GLU A 401 29.58 -14.89 -1.62
CA GLU A 401 29.85 -14.55 -0.23
C GLU A 401 31.34 -14.30 0.03
N GLU A 402 32.19 -15.10 -0.60
CA GLU A 402 33.61 -15.02 -0.35
C GLU A 402 34.30 -13.76 -0.91
N ARG A 403 33.60 -13.04 -1.80
CA ARG A 403 34.10 -11.73 -2.27
C ARG A 403 33.79 -10.57 -1.30
N ASN A 404 33.26 -10.91 -0.12
CA ASN A 404 33.02 -9.95 0.97
CA ASN A 404 32.99 -9.97 0.98
C ASN A 404 32.43 -8.60 0.56
N GLY A 405 31.50 -8.63 -0.40
CA GLY A 405 30.85 -7.40 -0.92
C GLY A 405 31.60 -6.65 -2.01
N LYS A 406 32.81 -7.09 -2.35
CA LYS A 406 33.68 -6.41 -3.30
C LYS A 406 33.83 -7.23 -4.58
N PRO A 407 33.24 -6.76 -5.70
CA PRO A 407 33.38 -7.54 -6.93
C PRO A 407 34.85 -7.60 -7.34
N PRO A 408 35.25 -8.66 -8.08
CA PRO A 408 36.61 -8.67 -8.64
C PRO A 408 36.79 -7.37 -9.44
N ALA A 409 37.96 -6.74 -9.34
CA ALA A 409 38.21 -5.54 -10.13
C ALA A 409 38.84 -5.94 -11.48
N ILE A 410 38.02 -5.97 -12.52
CA ILE A 410 38.44 -6.49 -13.85
C ILE A 410 38.77 -5.34 -14.83
N ASP A 411 40.04 -5.26 -15.23
CA ASP A 411 40.52 -4.30 -16.24
C ASP A 411 40.90 -5.05 -17.52
N LEU A 412 40.03 -4.92 -18.51
CA LEU A 412 40.23 -5.57 -19.80
C LEU A 412 40.70 -4.51 -20.82
N ASP A 413 41.85 -4.77 -21.45
CA ASP A 413 42.47 -3.95 -22.49
C ASP A 413 41.41 -3.33 -23.42
N GLY A 414 41.29 -2.00 -23.38
CA GLY A 414 40.33 -1.27 -24.20
C GLY A 414 40.48 -1.39 -25.71
N GLU A 415 41.68 -1.79 -26.15
CA GLU A 415 41.98 -1.99 -27.59
C GLU A 415 41.49 -3.36 -28.11
N HIS A 416 41.15 -4.25 -27.18
CA HIS A 416 40.80 -5.64 -27.55
C HIS A 416 39.46 -6.15 -27.05
N TYR A 417 38.99 -5.62 -25.92
CA TYR A 417 37.89 -6.29 -25.18
C TYR A 417 36.66 -5.44 -24.95
N LYS A 418 36.68 -4.25 -25.53
CA LYS A 418 35.68 -3.26 -25.22
C LYS A 418 34.43 -3.62 -26.01
N MET A 419 34.64 -3.99 -27.27
CA MET A 419 33.57 -4.44 -28.15
C MET A 419 33.29 -5.91 -27.90
N ILE A 420 32.02 -6.30 -27.98
CA ILE A 420 31.64 -7.67 -27.57
C ILE A 420 32.32 -8.74 -28.44
N ASP A 421 32.55 -8.38 -29.70
CA ASP A 421 33.31 -9.20 -30.64
C ASP A 421 34.73 -9.50 -30.17
N GLY A 422 35.38 -8.53 -29.54
CA GLY A 422 36.73 -8.72 -29.01
C GLY A 422 36.68 -9.54 -27.74
N PHE A 423 35.67 -9.25 -26.90
CA PHE A 423 35.42 -9.94 -25.63
C PHE A 423 35.14 -11.40 -25.90
N GLU A 424 34.50 -11.67 -27.03
CA GLU A 424 34.19 -13.02 -27.52
C GLU A 424 35.39 -13.97 -27.66
N LYS A 425 36.53 -13.46 -28.12
CA LYS A 425 37.74 -14.27 -28.16
C LYS A 425 38.29 -14.65 -26.79
N LEU A 426 38.14 -13.76 -25.81
CA LEU A 426 38.64 -13.96 -24.46
C LEU A 426 38.01 -15.17 -23.74
N VAL A 427 36.68 -15.28 -23.85
CA VAL A 427 35.88 -16.30 -23.18
C VAL A 427 35.41 -17.45 -24.11
N LYS A 428 35.78 -17.36 -25.39
CA LYS A 428 35.45 -18.35 -26.41
C LYS A 428 35.64 -19.78 -25.91
N GLY A 429 36.84 -20.06 -25.39
CA GLY A 429 37.17 -21.41 -24.92
C GLY A 429 36.86 -21.63 -23.46
N GLY A 430 36.24 -20.64 -22.82
CA GLY A 430 35.87 -20.75 -21.42
C GLY A 430 35.82 -19.46 -20.61
N VAL A 431 34.76 -19.34 -19.80
CA VAL A 431 34.69 -18.28 -18.79
C VAL A 431 35.47 -18.82 -17.59
N PRO A 432 36.51 -18.08 -17.12
CA PRO A 432 37.30 -18.54 -15.97
C PRO A 432 36.52 -18.41 -14.66
N SER A 433 36.93 -19.19 -13.65
CA SER A 433 36.41 -19.07 -12.29
C SER A 433 37.00 -17.75 -11.76
N LEU A 434 36.15 -16.90 -11.20
CA LEU A 434 36.56 -15.60 -10.63
C LEU A 434 36.05 -15.36 -9.20
N ARG A 435 35.43 -16.36 -8.60
CA ARG A 435 34.94 -16.22 -7.23
C ARG A 435 36.04 -15.94 -6.20
N GLN A 436 37.26 -16.40 -6.44
CA GLN A 436 38.40 -16.12 -5.54
C GLN A 436 39.26 -14.95 -6.04
N CYS A 437 38.79 -14.23 -7.07
CA CYS A 437 39.59 -13.21 -7.70
C CYS A 437 39.34 -11.83 -7.09
N THR A 438 40.39 -11.17 -6.62
CA THR A 438 40.22 -9.79 -6.12
C THR A 438 40.45 -8.79 -7.27
N SER A 439 41.21 -9.22 -8.28
CA SER A 439 41.67 -8.33 -9.34
C SER A 439 42.14 -9.12 -10.54
N LEU A 440 41.70 -8.77 -11.74
CA LEU A 440 42.22 -9.37 -12.97
C LEU A 440 42.45 -8.32 -14.06
N THR A 441 43.70 -8.20 -14.50
CA THR A 441 44.08 -7.27 -15.54
C THR A 441 44.58 -8.06 -16.76
N VAL A 442 44.02 -7.73 -17.93
CA VAL A 442 44.36 -8.40 -19.17
C VAL A 442 44.73 -7.39 -20.23
N ARG A 443 45.85 -7.66 -20.88
CA ARG A 443 46.49 -6.74 -21.83
C ARG A 443 46.98 -7.55 -23.03
N GLY A 444 46.75 -7.02 -24.23
CA GLY A 444 47.06 -7.73 -25.46
C GLY A 444 46.02 -8.80 -25.78
N LEU A 445 46.29 -9.60 -26.81
CA LEU A 445 45.39 -10.72 -27.18
C LEU A 445 45.56 -11.96 -26.29
N VAL A 446 44.46 -12.40 -25.68
CA VAL A 446 44.47 -13.46 -24.65
C VAL A 446 43.18 -14.25 -24.79
N GLU A 447 43.32 -15.57 -24.60
CA GLU A 447 42.21 -16.51 -24.78
C GLU A 447 42.20 -17.57 -23.68
N PHE A 448 41.22 -17.48 -22.78
CA PHE A 448 40.96 -18.52 -21.76
C PHE A 448 40.44 -19.79 -22.41
N GLY A 449 40.93 -20.93 -21.93
CA GLY A 449 40.34 -22.21 -22.22
C GLY A 449 39.45 -22.59 -21.04
N ALA A 450 39.32 -23.89 -20.80
CA ALA A 450 38.33 -24.43 -19.88
C ALA A 450 38.85 -24.63 -18.44
N ASP A 451 37.92 -24.45 -17.50
CA ASP A 451 38.14 -24.62 -16.05
C ASP A 451 39.40 -23.94 -15.50
N VAL A 452 39.71 -22.77 -16.05
CA VAL A 452 40.75 -21.90 -15.50
C VAL A 452 40.27 -21.24 -14.21
N SER A 453 41.10 -21.30 -13.17
CA SER A 453 40.77 -20.72 -11.87
C SER A 453 41.60 -19.48 -11.65
N VAL A 454 40.96 -18.32 -11.51
CA VAL A 454 41.71 -17.07 -11.24
C VAL A 454 41.59 -16.70 -9.75
N ARG A 455 42.75 -16.52 -9.09
CA ARG A 455 42.79 -16.34 -7.64
C ARG A 455 43.66 -15.14 -7.23
N GLY A 456 43.15 -14.35 -6.30
CA GLY A 456 43.92 -13.21 -5.77
C GLY A 456 43.99 -12.08 -6.77
N ASN A 457 45.18 -11.50 -6.92
CA ASN A 457 45.48 -10.47 -7.93
C ASN A 457 46.26 -10.99 -9.15
N VAL A 458 45.55 -11.18 -10.27
CA VAL A 458 46.14 -11.76 -11.48
C VAL A 458 46.35 -10.75 -12.62
N VAL A 459 47.56 -10.73 -13.19
CA VAL A 459 47.83 -9.96 -14.38
C VAL A 459 48.19 -10.89 -15.57
N ILE A 460 47.61 -10.63 -16.75
CA ILE A 460 47.95 -11.38 -17.96
C ILE A 460 48.25 -10.41 -19.11
N LYS A 461 49.53 -10.28 -19.47
CA LYS A 461 49.99 -9.40 -20.55
C LYS A 461 50.59 -10.17 -21.73
N ASN A 462 49.98 -10.03 -22.90
CA ASN A 462 50.58 -10.58 -24.11
C ASN A 462 51.10 -9.49 -25.05
N LEU A 463 52.39 -9.61 -25.36
CA LEU A 463 53.10 -8.64 -26.20
C LEU A 463 53.41 -9.27 -27.56
N LYS A 464 53.07 -10.55 -27.70
CA LYS A 464 53.19 -11.24 -28.97
C LYS A 464 51.97 -10.93 -29.82
N GLU A 465 52.09 -11.17 -31.13
CA GLU A 465 50.94 -11.00 -32.02
C GLU A 465 49.98 -12.17 -31.92
N GLU A 466 50.52 -13.38 -31.82
CA GLU A 466 49.71 -14.59 -31.65
C GLU A 466 48.91 -14.55 -30.34
N PRO A 467 47.60 -14.87 -30.38
CA PRO A 467 46.91 -14.94 -29.09
C PRO A 467 47.61 -15.83 -28.07
N LEU A 468 47.66 -15.35 -26.83
CA LEU A 468 48.09 -16.13 -25.68
C LEU A 468 46.94 -17.02 -25.18
N ILE A 469 47.12 -18.33 -25.33
CA ILE A 469 46.08 -19.25 -24.85
C ILE A 469 46.41 -19.62 -23.42
N ILE A 470 45.40 -19.51 -22.56
CA ILE A 470 45.57 -19.99 -21.19
C ILE A 470 45.02 -21.42 -21.11
N GLY A 471 45.93 -22.38 -21.00
CA GLY A 471 45.58 -23.81 -20.99
C GLY A 471 44.42 -24.15 -20.07
N SER A 472 43.63 -25.14 -20.48
CA SER A 472 42.52 -25.63 -19.66
C SER A 472 43.01 -26.18 -18.30
N GLY A 473 42.35 -25.79 -17.22
CA GLY A 473 42.72 -26.25 -15.88
C GLY A 473 43.82 -25.44 -15.21
N ARG A 474 44.38 -24.47 -15.93
CA ARG A 474 45.39 -23.54 -15.37
C ARG A 474 44.87 -22.81 -14.13
N VAL A 475 45.63 -22.89 -13.05
CA VAL A 475 45.37 -22.09 -11.85
C VAL A 475 46.30 -20.85 -11.86
N LEU A 476 45.70 -19.68 -11.90
CA LEU A 476 46.44 -18.45 -11.76
C LEU A 476 46.16 -17.87 -10.38
N ASP A 477 47.15 -18.04 -9.51
CA ASP A 477 47.03 -17.73 -8.10
C ASP A 477 47.96 -16.56 -7.74
N ASN A 478 47.40 -15.35 -7.64
CA ASN A 478 48.19 -14.15 -7.38
C ASN A 478 49.43 -14.01 -8.29
N GLU A 479 49.24 -14.36 -9.56
CA GLU A 479 50.33 -14.49 -10.53
C GLU A 479 50.27 -13.38 -11.56
N VAL A 480 51.46 -12.99 -12.04
CA VAL A 480 51.60 -12.04 -13.13
C VAL A 480 52.18 -12.85 -14.29
N VAL A 481 51.45 -12.86 -15.41
CA VAL A 481 51.85 -13.58 -16.63
C VAL A 481 52.20 -12.56 -17.71
N VAL A 482 53.45 -12.63 -18.18
CA VAL A 482 53.89 -11.77 -19.27
C VAL A 482 54.53 -12.58 -20.39
N VAL A 483 53.90 -12.54 -21.55
CA VAL A 483 54.46 -13.22 -22.72
C VAL A 483 54.96 -12.22 -23.76
N GLU A 484 56.23 -12.40 -24.12
CA GLU A 484 56.92 -11.50 -25.03
C GLU A 484 57.72 -12.31 -26.04
N SER B 9 -22.16 -33.02 2.51
CA SER B 9 -21.18 -31.86 2.44
C SER B 9 -21.53 -30.78 1.36
N GLY B 10 -22.68 -30.93 0.68
CA GLY B 10 -23.08 -30.10 -0.49
C GLY B 10 -23.23 -28.59 -0.28
N ALA B 11 -24.00 -28.18 0.74
CA ALA B 11 -24.14 -26.76 1.13
C ALA B 11 -22.79 -26.09 1.42
N ALA B 12 -21.93 -26.75 2.18
CA ALA B 12 -20.56 -26.28 2.53
C ALA B 12 -19.65 -26.13 1.31
N LEU B 13 -19.73 -27.08 0.37
CA LEU B 13 -18.96 -26.99 -0.91
C LEU B 13 -19.39 -25.83 -1.80
N ALA B 14 -20.69 -25.55 -1.78
CA ALA B 14 -21.22 -24.43 -2.51
C ALA B 14 -20.65 -23.10 -1.92
N CYS B 15 -20.55 -23.03 -0.58
CA CYS B 15 -19.96 -21.87 0.12
C CYS B 15 -18.46 -21.79 -0.18
N LEU B 16 -17.77 -22.92 -0.10
CA LEU B 16 -16.33 -22.97 -0.42
C LEU B 16 -16.04 -22.31 -1.79
N GLU B 17 -16.77 -22.79 -2.81
CA GLU B 17 -16.64 -22.39 -4.21
C GLU B 17 -16.92 -20.91 -4.44
N LYS B 18 -18.05 -20.43 -3.91
CA LYS B 18 -18.44 -19.04 -4.05
C LYS B 18 -17.45 -18.04 -3.41
N MET B 19 -16.95 -18.39 -2.22
CA MET B 19 -15.99 -17.58 -1.45
C MET B 19 -14.62 -17.66 -2.12
N GLN B 20 -14.22 -18.87 -2.47
CA GLN B 20 -12.96 -19.10 -3.20
C GLN B 20 -12.96 -18.34 -4.52
N ALA B 21 -13.99 -18.52 -5.32
CA ALA B 21 -14.16 -17.73 -6.54
C ALA B 21 -14.10 -16.20 -6.35
N SER B 22 -14.61 -15.70 -5.21
CA SER B 22 -14.71 -14.26 -4.97
CA SER B 22 -14.72 -14.26 -4.92
C SER B 22 -13.47 -13.65 -4.32
N GLY B 23 -12.51 -14.48 -3.95
CA GLY B 23 -11.27 -14.00 -3.32
C GLY B 23 -11.27 -13.81 -1.81
N VAL B 24 -12.26 -14.37 -1.11
CA VAL B 24 -12.31 -14.32 0.36
C VAL B 24 -11.05 -14.94 0.98
N GLU B 25 -10.54 -14.30 2.04
CA GLU B 25 -9.30 -14.73 2.68
C GLU B 25 -9.40 -16.20 3.18
N GLU B 26 -8.29 -16.96 3.14
CA GLU B 26 -8.35 -18.42 3.36
C GLU B 26 -8.68 -18.91 4.80
N LYS B 27 -8.13 -18.28 5.82
CA LYS B 27 -8.51 -18.59 7.19
C LYS B 27 -9.98 -18.25 7.48
N CYS B 28 -10.51 -17.21 6.81
CA CYS B 28 -11.91 -16.82 6.95
C CYS B 28 -12.85 -17.90 6.44
N ILE B 29 -12.59 -18.37 5.21
CA ILE B 29 -13.30 -19.52 4.61
C ILE B 29 -13.20 -20.74 5.58
N HIS B 30 -11.99 -21.05 6.03
CA HIS B 30 -11.79 -22.12 7.04
C HIS B 30 -12.75 -22.01 8.25
N ILE B 31 -12.70 -20.88 8.97
CA ILE B 31 -13.55 -20.62 10.13
C ILE B 31 -15.04 -20.58 9.80
N PHE B 32 -15.42 -19.91 8.71
CA PHE B 32 -16.81 -19.91 8.32
C PHE B 32 -17.29 -21.36 8.10
N LEU B 33 -16.48 -22.18 7.42
CA LEU B 33 -16.82 -23.58 7.19
C LEU B 33 -17.05 -24.37 8.48
N ILE B 34 -16.16 -24.17 9.45
CA ILE B 34 -16.33 -24.75 10.79
C ILE B 34 -17.71 -24.39 11.36
N GLN B 35 -18.01 -23.07 11.36
CA GLN B 35 -19.29 -22.52 11.81
C GLN B 35 -20.48 -23.04 11.01
N HIS B 36 -20.35 -23.10 9.68
CA HIS B 36 -21.39 -23.61 8.80
C HIS B 36 -21.77 -25.02 9.22
N ALA B 37 -20.76 -25.83 9.54
CA ALA B 37 -20.99 -27.19 9.99
C ALA B 37 -21.91 -27.25 11.21
N LEU B 38 -21.56 -26.44 12.23
CA LEU B 38 -22.34 -26.31 13.46
C LEU B 38 -23.81 -25.92 13.21
N VAL B 39 -23.97 -24.86 12.43
CA VAL B 39 -25.28 -24.30 12.12
C VAL B 39 -26.18 -25.27 11.35
N ARG B 40 -25.64 -25.84 10.27
CA ARG B 40 -26.37 -26.86 9.51
C ARG B 40 -26.82 -28.04 10.40
N LYS B 41 -25.93 -28.49 11.29
CA LYS B 41 -26.20 -29.58 12.25
C LYS B 41 -27.07 -29.20 13.46
N GLY B 42 -27.36 -27.91 13.63
CA GLY B 42 -28.46 -27.49 14.49
C GLY B 42 -28.18 -26.40 15.51
N GLU B 43 -26.92 -25.96 15.59
CA GLU B 43 -26.49 -24.91 16.52
C GLU B 43 -27.22 -23.61 16.22
N THR B 44 -27.91 -23.12 17.25
CA THR B 44 -28.60 -21.83 17.23
C THR B 44 -27.71 -20.65 17.65
N GLY B 45 -26.58 -20.94 18.30
CA GLY B 45 -25.74 -19.90 18.96
C GLY B 45 -26.38 -19.26 20.18
N TYR B 46 -27.47 -19.83 20.68
CA TYR B 46 -28.22 -19.21 21.77
C TYR B 46 -27.49 -19.25 23.11
N ILE B 47 -27.70 -18.22 23.93
CA ILE B 47 -27.21 -18.22 25.31
C ILE B 47 -28.43 -18.18 26.24
N PRO B 48 -28.93 -19.36 26.65
CA PRO B 48 -30.15 -19.38 27.46
C PRO B 48 -29.95 -18.75 28.86
N GLU B 49 -30.99 -18.10 29.36
CA GLU B 49 -30.97 -17.58 30.72
C GLU B 49 -30.45 -18.60 31.77
N LYS B 50 -30.75 -19.89 31.58
CA LYS B 50 -30.38 -20.92 32.56
C LYS B 50 -28.90 -21.27 32.56
N SER B 51 -28.15 -20.73 31.60
CA SER B 51 -26.72 -20.99 31.47
C SER B 51 -25.83 -19.86 32.04
N ILE B 52 -26.44 -18.79 32.52
CA ILE B 52 -25.66 -17.62 32.93
C ILE B 52 -26.10 -17.05 34.28
N SER B 53 -25.18 -16.35 34.94
CA SER B 53 -25.46 -15.61 36.17
C SER B 53 -25.25 -14.10 35.89
N PRO B 54 -26.09 -13.22 36.47
CA PRO B 54 -25.81 -11.79 36.37
C PRO B 54 -24.51 -11.34 37.04
N VAL B 55 -23.88 -10.32 36.45
CA VAL B 55 -22.78 -9.61 37.08
C VAL B 55 -23.36 -8.50 37.98
N GLU B 56 -23.09 -8.60 39.27
CA GLU B 56 -23.62 -7.70 40.30
C GLU B 56 -22.76 -6.48 40.65
N SER B 57 -21.49 -6.49 40.25
CA SER B 57 -20.56 -5.42 40.54
C SER B 57 -19.36 -5.50 39.60
N LEU B 58 -18.76 -4.34 39.35
CA LEU B 58 -17.56 -4.21 38.55
C LEU B 58 -16.75 -3.03 39.11
N PRO B 59 -15.44 -2.96 38.82
CA PRO B 59 -14.79 -1.72 39.17
C PRO B 59 -15.30 -0.55 38.30
N PHE B 60 -15.18 0.69 38.81
CA PHE B 60 -15.57 1.90 38.08
C PHE B 60 -14.39 2.72 37.62
N LEU B 61 -14.51 3.36 36.47
CA LEU B 61 -13.46 4.23 35.93
C LEU B 61 -13.03 5.33 36.91
N ALA B 72 3.16 9.43 26.73
CA ALA B 72 4.24 8.48 26.61
C ALA B 72 3.68 7.14 26.20
N LEU B 73 2.66 6.70 26.94
CA LEU B 73 1.93 5.47 26.67
C LEU B 73 1.00 5.65 25.47
N LEU B 74 0.41 6.85 25.40
CA LEU B 74 -0.42 7.32 24.28
C LEU B 74 0.31 7.28 22.93
N ARG B 75 1.63 7.45 22.95
CA ARG B 75 2.46 7.33 21.75
C ARG B 75 2.49 5.88 21.20
N GLN B 76 1.92 4.95 21.95
CA GLN B 76 1.81 3.54 21.53
C GLN B 76 0.39 3.11 21.19
N ALA B 77 -0.55 4.05 21.29
CA ALA B 77 -1.96 3.77 21.03
C ALA B 77 -2.31 3.93 19.54
N VAL B 78 -3.12 3.00 19.02
CA VAL B 78 -3.76 3.19 17.70
C VAL B 78 -5.28 3.29 17.92
N VAL B 79 -5.96 4.12 17.15
CA VAL B 79 -7.43 4.23 17.23
C VAL B 79 -8.05 3.51 16.02
N LEU B 80 -9.04 2.65 16.25
CA LEU B 80 -9.76 2.04 15.11
C LEU B 80 -11.27 2.19 15.33
N LYS B 81 -11.97 2.66 14.29
CA LYS B 81 -13.44 2.79 14.35
C LYS B 81 -14.05 1.70 13.48
N LEU B 82 -15.00 0.94 14.04
CA LEU B 82 -15.75 -0.03 13.24
C LEU B 82 -16.60 0.74 12.25
N ASN B 83 -16.69 0.23 11.01
CA ASN B 83 -17.35 0.95 9.90
C ASN B 83 -17.82 0.04 8.73
N GLY B 84 -18.04 -1.24 9.02
CA GLY B 84 -18.28 -2.23 7.96
C GLY B 84 -19.68 -2.82 7.92
N GLY B 85 -20.50 -2.48 8.92
CA GLY B 85 -21.88 -2.98 9.01
C GLY B 85 -22.81 -2.61 7.86
N LEU B 86 -23.70 -3.55 7.52
CA LEU B 86 -24.73 -3.35 6.51
C LEU B 86 -25.91 -2.47 7.00
N GLY B 87 -26.03 -2.29 8.31
CA GLY B 87 -27.05 -1.42 8.91
C GLY B 87 -28.46 -1.83 8.54
N THR B 88 -28.72 -3.13 8.56
CA THR B 88 -29.91 -3.70 7.95
C THR B 88 -31.18 -3.55 8.80
N GLY B 89 -31.01 -3.30 10.09
CA GLY B 89 -32.16 -3.07 10.97
C GLY B 89 -32.82 -1.75 10.64
N MET B 90 -32.04 -0.86 10.03
CA MET B 90 -32.53 0.42 9.55
C MET B 90 -32.78 0.38 8.03
N GLY B 91 -32.61 -0.79 7.42
CA GLY B 91 -32.62 -0.94 5.96
C GLY B 91 -31.78 0.12 5.26
N LEU B 92 -30.51 0.23 5.64
CA LEU B 92 -29.60 1.22 5.03
C LEU B 92 -29.01 0.68 3.75
N ASN B 93 -28.87 1.59 2.79
CA ASN B 93 -28.29 1.24 1.52
C ASN B 93 -26.81 1.66 1.48
N GLY B 94 -26.10 1.38 2.59
CA GLY B 94 -24.68 1.72 2.79
C GLY B 94 -24.20 1.99 4.23
N PRO B 95 -23.06 2.68 4.39
CA PRO B 95 -22.53 2.92 5.76
C PRO B 95 -23.33 3.92 6.64
N LYS B 96 -23.66 3.51 7.87
CA LYS B 96 -24.40 4.34 8.83
C LYS B 96 -23.64 5.62 9.17
N SER B 97 -22.31 5.51 9.24
CA SER B 97 -21.42 6.62 9.54
C SER B 97 -21.60 7.87 8.61
N LEU B 98 -22.24 7.65 7.46
CA LEU B 98 -22.53 8.73 6.49
C LEU B 98 -23.91 9.35 6.68
N LEU B 99 -24.63 8.87 7.72
CA LEU B 99 -25.86 9.53 8.14
C LEU B 99 -25.56 10.83 8.86
N GLN B 100 -26.45 11.81 8.66
CA GLN B 100 -26.30 13.10 9.32
C GLN B 100 -26.71 13.01 10.78
N VAL B 101 -25.87 13.60 11.61
CA VAL B 101 -25.97 13.57 13.09
C VAL B 101 -26.43 14.92 13.66
N LYS B 102 -25.72 15.98 13.28
CA LYS B 102 -26.19 17.35 13.43
C LYS B 102 -26.03 17.94 12.05
N ASN B 103 -27.09 18.57 11.54
CA ASN B 103 -27.12 19.13 10.17
C ASN B 103 -25.77 19.53 9.58
N GLY B 104 -25.47 18.94 8.43
CA GLY B 104 -24.22 19.22 7.75
C GLY B 104 -23.10 18.36 8.28
N GLN B 105 -23.32 17.65 9.38
CA GLN B 105 -22.27 16.81 9.99
C GLN B 105 -22.69 15.35 10.15
N THR B 106 -21.94 14.48 9.48
CA THR B 106 -22.12 13.04 9.59
C THR B 106 -21.39 12.45 10.83
N PHE B 107 -21.66 11.19 11.17
CA PHE B 107 -20.89 10.50 12.22
C PHE B 107 -19.40 10.56 11.83
N LEU B 108 -19.13 10.34 10.54
CA LEU B 108 -17.76 10.30 10.08
C LEU B 108 -17.10 11.70 10.08
N ASP B 109 -17.92 12.74 9.93
CA ASP B 109 -17.46 14.14 10.13
C ASP B 109 -16.99 14.39 11.57
N PHE B 110 -17.81 14.00 12.56
CA PHE B 110 -17.43 14.18 13.98
C PHE B 110 -16.22 13.32 14.32
N THR B 111 -16.18 12.11 13.79
CA THR B 111 -15.04 11.24 13.98
C THR B 111 -13.77 11.95 13.52
N ALA B 112 -13.75 12.45 12.29
CA ALA B 112 -12.64 13.25 11.75
C ALA B 112 -12.30 14.49 12.58
N LEU B 113 -13.33 15.17 13.08
CA LEU B 113 -13.16 16.39 13.87
C LEU B 113 -12.56 16.14 15.27
N GLN B 114 -12.99 15.05 15.93
CA GLN B 114 -12.36 14.57 17.17
C GLN B 114 -10.87 14.30 16.94
N LEU B 115 -10.58 13.71 15.79
CA LEU B 115 -9.21 13.42 15.37
C LEU B 115 -8.37 14.70 15.23
N GLU B 116 -8.93 15.71 14.54
CA GLU B 116 -8.27 17.03 14.38
C GLU B 116 -8.13 17.79 15.73
N HIS B 117 -9.01 17.51 16.69
CA HIS B 117 -8.95 18.10 18.01
C HIS B 117 -7.88 17.42 18.87
N PHE B 118 -7.81 16.09 18.79
CA PHE B 118 -6.80 15.30 19.50
C PHE B 118 -5.39 15.66 19.03
N ARG B 119 -5.17 15.49 17.73
CA ARG B 119 -3.91 15.80 17.06
C ARG B 119 -3.29 17.11 17.57
N GLN B 120 -4.13 18.13 17.75
CA GLN B 120 -3.70 19.45 18.21
C GLN B 120 -3.44 19.51 19.73
N VAL B 121 -4.41 19.07 20.53
CA VAL B 121 -4.32 19.11 22.01
C VAL B 121 -3.27 18.13 22.59
N ARG B 122 -3.46 16.81 22.29
CA ARG B 122 -2.53 15.79 22.80
C ARG B 122 -1.12 15.89 22.19
N ASN B 123 -1.03 16.57 21.01
CA ASN B 123 0.36 16.86 20.47
C ASN B 123 0.54 18.34 20.04
N VAL B 126 -1.65 10.29 16.78
CA VAL B 126 -2.25 8.94 16.92
C VAL B 126 -2.82 8.34 15.61
N PRO B 127 -2.25 7.20 15.17
CA PRO B 127 -2.77 6.38 14.09
C PRO B 127 -4.28 6.15 14.19
N PHE B 128 -4.92 6.24 13.05
CA PHE B 128 -6.35 6.09 12.94
C PHE B 128 -6.66 5.12 11.79
N MET B 129 -7.58 4.18 12.05
CA MET B 129 -8.01 3.16 11.08
C MET B 129 -9.55 3.09 11.07
N LEU B 130 -10.11 2.66 9.93
CA LEU B 130 -11.54 2.41 9.73
C LEU B 130 -11.65 0.94 9.28
N MET B 131 -12.42 0.12 9.98
CA MET B 131 -12.66 -1.22 9.46
C MET B 131 -13.87 -1.24 8.55
N ASN B 132 -13.59 -1.40 7.26
CA ASN B 132 -14.61 -1.25 6.24
C ASN B 132 -14.89 -2.62 5.67
N SER B 133 -16.02 -2.74 4.98
CA SER B 133 -16.41 -3.94 4.25
C SER B 133 -16.72 -3.58 2.79
N PHE B 134 -16.93 -4.60 1.97
CA PHE B 134 -17.33 -4.44 0.57
C PHE B 134 -18.51 -3.46 0.42
N SER B 135 -19.28 -3.35 1.49
CA SER B 135 -20.53 -2.63 1.52
C SER B 135 -20.32 -1.13 1.79
N THR B 136 -19.21 -0.82 2.45
CA THR B 136 -18.97 0.51 2.99
C THR B 136 -17.67 1.17 2.55
N SER B 137 -16.72 0.41 2.00
CA SER B 137 -15.41 0.95 1.64
C SER B 137 -15.50 2.09 0.60
N GLY B 138 -16.21 1.85 -0.50
CA GLY B 138 -16.25 2.83 -1.62
C GLY B 138 -16.82 4.18 -1.21
N GLU B 139 -18.03 4.14 -0.63
CA GLU B 139 -18.76 5.30 -0.13
C GLU B 139 -17.95 6.05 0.92
N THR B 140 -17.27 5.30 1.79
CA THR B 140 -16.44 5.88 2.85
C THR B 140 -15.22 6.59 2.26
N LYS B 141 -14.54 5.92 1.32
CA LYS B 141 -13.42 6.52 0.59
C LYS B 141 -13.85 7.84 -0.06
N ASN B 142 -15.00 7.84 -0.73
CA ASN B 142 -15.41 9.01 -1.47
C ASN B 142 -15.81 10.16 -0.54
N PHE B 143 -16.40 9.81 0.61
CA PHE B 143 -16.74 10.83 1.57
C PHE B 143 -15.52 11.59 2.08
N LEU B 144 -14.45 10.84 2.33
CA LEU B 144 -13.25 11.38 2.96
C LEU B 144 -12.39 12.22 2.03
N ARG B 145 -12.79 12.32 0.76
CA ARG B 145 -12.22 13.26 -0.18
C ARG B 145 -12.23 14.68 0.40
N LYS B 146 -13.28 15.02 1.14
CA LYS B 146 -13.44 16.29 1.84
C LYS B 146 -12.30 16.55 2.83
N TYR B 147 -11.65 15.47 3.28
CA TYR B 147 -10.57 15.55 4.25
C TYR B 147 -9.20 15.12 3.65
N PRO B 148 -8.50 16.03 2.92
CA PRO B 148 -7.30 15.60 2.18
C PRO B 148 -6.27 14.76 2.96
N THR B 149 -6.03 15.10 4.22
CA THR B 149 -4.96 14.45 5.03
C THR B 149 -5.31 12.98 5.31
N LEU B 150 -6.61 12.70 5.39
CA LEU B 150 -7.08 11.35 5.57
C LEU B 150 -7.17 10.61 4.24
N TYR B 151 -7.74 11.28 3.23
CA TYR B 151 -7.86 10.70 1.90
C TYR B 151 -6.52 10.25 1.34
N GLU B 152 -5.47 11.05 1.59
CA GLU B 152 -4.12 10.76 1.11
C GLU B 152 -3.59 9.42 1.60
N VAL B 153 -3.98 9.03 2.82
CA VAL B 153 -3.49 7.79 3.40
C VAL B 153 -4.60 6.77 3.68
N PHE B 154 -5.68 6.88 2.91
CA PHE B 154 -6.86 6.06 3.17
C PHE B 154 -6.56 4.61 2.80
N ASP B 155 -6.22 4.40 1.53
CA ASP B 155 -5.89 3.05 1.02
C ASP B 155 -4.71 2.43 1.78
N SER B 156 -3.69 3.23 2.06
CA SER B 156 -2.42 2.69 2.56
C SER B 156 -2.41 2.40 4.05
N ASP B 157 -3.13 3.22 4.82
CA ASP B 157 -2.99 3.28 6.29
C ASP B 157 -4.30 3.14 7.07
N ILE B 158 -5.28 3.97 6.72
CA ILE B 158 -6.58 4.06 7.44
C ILE B 158 -7.43 2.79 7.24
N GLU B 159 -7.75 2.46 5.99
CA GLU B 159 -8.61 1.31 5.68
C GLU B 159 -8.10 -0.04 6.18
N LEU B 160 -8.95 -0.71 6.96
CA LEU B 160 -8.78 -2.13 7.32
C LEU B 160 -9.93 -2.90 6.66
N MET B 161 -9.68 -3.47 5.48
CA MET B 161 -10.74 -4.23 4.78
C MET B 161 -10.98 -5.57 5.47
N GLN B 162 -12.21 -5.79 5.90
CA GLN B 162 -12.57 -7.00 6.59
C GLN B 162 -13.03 -8.02 5.58
N ASN B 163 -13.36 -9.21 6.08
CA ASN B 163 -13.82 -10.31 5.25
C ASN B 163 -15.29 -10.19 4.92
N ARG B 164 -15.75 -11.17 4.16
CA ARG B 164 -17.04 -11.19 3.52
C ARG B 164 -17.41 -12.68 3.42
N VAL B 165 -18.69 -12.97 3.61
CA VAL B 165 -19.18 -14.35 3.82
C VAL B 165 -20.59 -14.49 3.14
N PRO B 166 -20.95 -15.68 2.62
CA PRO B 166 -22.30 -15.82 2.06
C PRO B 166 -23.39 -15.76 3.13
N LYS B 167 -24.48 -15.05 2.84
CA LYS B 167 -25.74 -15.31 3.56
C LYS B 167 -26.21 -16.69 3.07
N ILE B 168 -26.57 -17.56 4.00
CA ILE B 168 -27.01 -18.93 3.70
C ILE B 168 -28.51 -19.05 3.96
N ARG B 169 -29.19 -19.84 3.12
CA ARG B 169 -30.62 -20.14 3.28
C ARG B 169 -30.89 -20.91 4.58
N GLN B 170 -31.97 -20.54 5.29
CA GLN B 170 -32.38 -21.21 6.54
C GLN B 170 -32.77 -22.68 6.27
N ASP B 171 -33.27 -22.89 5.06
CA ASP B 171 -33.68 -24.21 4.52
C ASP B 171 -32.57 -25.28 4.47
N ASN B 172 -31.67 -25.07 3.53
CA ASN B 172 -30.73 -26.09 3.10
C ASN B 172 -29.32 -25.59 3.28
N PHE B 173 -29.19 -24.38 3.79
CA PHE B 173 -27.88 -23.82 4.19
C PHE B 173 -26.93 -23.53 3.01
N PHE B 174 -27.45 -23.59 1.79
CA PHE B 174 -26.72 -23.23 0.60
C PHE B 174 -26.61 -21.72 0.57
N PRO B 175 -25.55 -21.19 -0.07
CA PRO B 175 -25.47 -19.74 -0.09
C PRO B 175 -26.65 -19.22 -0.91
N VAL B 176 -27.21 -18.10 -0.49
CA VAL B 176 -28.38 -17.55 -1.15
C VAL B 176 -28.03 -16.95 -2.54
N THR B 177 -29.02 -16.96 -3.41
CA THR B 177 -28.92 -16.32 -4.71
C THR B 177 -30.04 -15.28 -4.76
N TYR B 178 -29.67 -14.06 -5.15
CA TYR B 178 -30.62 -12.99 -5.27
C TYR B 178 -30.33 -12.26 -6.59
N GLU B 179 -30.96 -12.73 -7.66
CA GLU B 179 -30.76 -12.18 -9.01
C GLU B 179 -30.99 -10.66 -9.06
N ALA B 180 -32.06 -10.19 -8.42
CA ALA B 180 -32.38 -8.76 -8.27
C ALA B 180 -31.25 -7.85 -7.77
N ASP B 181 -30.37 -8.38 -6.94
CA ASP B 181 -29.21 -7.64 -6.46
C ASP B 181 -28.24 -8.63 -5.79
N PRO B 182 -27.30 -9.18 -6.57
CA PRO B 182 -26.27 -10.11 -6.11
C PRO B 182 -25.40 -9.64 -4.93
N THR B 183 -25.29 -8.33 -4.71
CA THR B 183 -24.55 -7.80 -3.55
C THR B 183 -25.25 -8.12 -2.24
N CYS B 184 -26.57 -8.27 -2.29
CA CYS B 184 -27.40 -8.76 -1.20
C CYS B 184 -27.14 -10.20 -0.77
N GLU B 185 -26.24 -10.89 -1.48
CA GLU B 185 -25.99 -12.31 -1.25
C GLU B 185 -24.89 -12.49 -0.19
N TRP B 186 -24.25 -11.38 0.20
CA TRP B 186 -23.07 -11.38 1.03
C TRP B 186 -23.27 -10.50 2.24
N VAL B 187 -22.42 -10.76 3.25
CA VAL B 187 -22.45 -10.03 4.51
C VAL B 187 -21.08 -10.08 5.21
N PRO B 188 -20.62 -8.93 5.77
CA PRO B 188 -19.44 -9.05 6.60
C PRO B 188 -19.77 -9.94 7.81
N PRO B 189 -18.81 -10.74 8.28
CA PRO B 189 -19.10 -11.70 9.36
C PRO B 189 -19.09 -11.15 10.82
N GLY B 190 -19.49 -9.88 10.98
CA GLY B 190 -19.61 -9.22 12.31
C GLY B 190 -18.30 -8.56 12.72
N HIS B 191 -18.31 -7.72 13.75
CA HIS B 191 -17.10 -6.91 14.03
C HIS B 191 -16.05 -7.74 14.77
N GLY B 192 -16.46 -8.91 15.27
CA GLY B 192 -15.54 -9.92 15.78
C GLY B 192 -14.50 -10.33 14.75
N ASP B 193 -14.79 -10.04 13.46
CA ASP B 193 -13.88 -10.33 12.34
C ASP B 193 -12.59 -9.49 12.45
N VAL B 194 -12.61 -8.45 13.29
CA VAL B 194 -11.44 -7.57 13.44
C VAL B 194 -10.12 -8.30 13.73
N TYR B 195 -10.18 -9.33 14.56
CA TYR B 195 -8.98 -10.07 14.97
C TYR B 195 -8.28 -10.83 13.84
N THR B 196 -8.98 -11.73 13.16
CA THR B 196 -8.40 -12.44 11.98
C THR B 196 -7.87 -11.46 10.91
N VAL B 197 -8.63 -10.41 10.63
CA VAL B 197 -8.28 -9.40 9.62
C VAL B 197 -6.96 -8.70 9.96
N LEU B 198 -6.88 -8.13 11.16
CA LEU B 198 -5.66 -7.48 11.67
C LEU B 198 -4.48 -8.42 11.53
N TYR B 199 -4.71 -9.68 11.85
CA TYR B 199 -3.70 -10.72 11.81
C TYR B 199 -3.34 -11.10 10.37
N SER B 200 -4.35 -11.51 9.59
CA SER B 200 -4.11 -12.02 8.22
C SER B 200 -3.61 -10.98 7.22
N SER B 201 -4.04 -9.73 7.40
CA SER B 201 -3.58 -8.63 6.53
C SER B 201 -2.08 -8.37 6.69
N GLY B 202 -1.53 -8.76 7.83
CA GLY B 202 -0.15 -8.37 8.22
C GLY B 202 -0.08 -7.00 8.91
N LYS B 203 -1.23 -6.32 9.02
CA LYS B 203 -1.31 -5.01 9.69
C LYS B 203 -0.89 -5.08 11.17
N LEU B 204 -1.27 -6.17 11.85
CA LEU B 204 -0.87 -6.39 13.24
C LEU B 204 0.66 -6.31 13.41
N ASP B 205 1.39 -7.05 12.57
CA ASP B 205 2.84 -7.10 12.64
C ASP B 205 3.45 -5.78 12.19
N TYR B 206 2.81 -5.14 11.23
CA TYR B 206 3.24 -3.83 10.74
C TYR B 206 3.18 -2.79 11.86
N LEU B 207 2.03 -2.71 12.54
CA LEU B 207 1.82 -1.82 13.71
C LEU B 207 2.78 -2.09 14.86
N LEU B 208 2.95 -3.37 15.18
CA LEU B 208 3.89 -3.80 16.20
C LEU B 208 5.32 -3.44 15.87
N GLY B 209 5.65 -3.52 14.57
CA GLY B 209 7.00 -3.21 14.09
C GLY B 209 7.28 -1.72 14.13
N LYS B 210 6.20 -0.94 14.17
CA LYS B 210 6.25 0.50 14.31
C LYS B 210 6.15 1.00 15.76
N GLY B 211 6.10 0.11 16.75
CA GLY B 211 6.19 0.47 18.18
C GLY B 211 4.86 0.63 18.90
N TYR B 212 3.77 0.38 18.19
CA TYR B 212 2.42 0.41 18.76
C TYR B 212 2.10 -0.90 19.45
N ARG B 213 1.37 -0.79 20.56
CA ARG B 213 1.17 -1.86 21.54
C ARG B 213 -0.29 -1.94 21.96
N TYR B 214 -1.03 -0.85 21.78
CA TYR B 214 -2.43 -0.82 22.21
C TYR B 214 -3.32 -0.35 21.09
N MET B 215 -4.53 -0.87 21.06
CA MET B 215 -5.50 -0.39 20.14
C MET B 215 -6.83 -0.17 20.84
N PHE B 216 -7.37 1.03 20.64
CA PHE B 216 -8.68 1.38 21.16
C PHE B 216 -9.73 1.31 20.06
N ILE B 217 -10.62 0.35 20.17
CA ILE B 217 -11.61 0.10 19.13
C ILE B 217 -12.99 0.55 19.63
N SER B 218 -13.81 1.09 18.73
CA SER B 218 -15.15 1.53 19.10
C SER B 218 -16.07 1.56 17.87
N ASN B 219 -17.38 1.57 18.13
CA ASN B 219 -18.41 1.60 17.14
C ASN B 219 -18.36 2.91 16.38
N GLY B 220 -18.54 2.85 15.06
CA GLY B 220 -18.68 4.05 14.18
C GLY B 220 -19.84 4.96 14.58
N ASP B 221 -20.86 4.37 15.18
CA ASP B 221 -22.09 5.08 15.53
C ASP B 221 -22.00 5.83 16.87
N ASN B 222 -21.02 5.44 17.71
CA ASN B 222 -20.81 6.01 19.07
C ASN B 222 -19.79 7.14 19.08
N LEU B 223 -20.29 8.37 19.07
CA LEU B 223 -19.46 9.56 19.03
C LEU B 223 -19.02 10.03 20.42
N GLY B 224 -19.32 9.24 21.45
CA GLY B 224 -18.86 9.54 22.81
C GLY B 224 -17.52 8.87 23.11
N ALA B 225 -17.14 7.91 22.29
CA ALA B 225 -15.92 7.10 22.48
C ALA B 225 -14.61 7.77 22.03
N THR B 226 -13.85 8.33 22.95
CA THR B 226 -12.51 8.82 22.60
C THR B 226 -11.47 8.18 23.49
N LEU B 227 -10.21 8.41 23.15
CA LEU B 227 -9.12 7.81 23.89
C LEU B 227 -9.00 8.46 25.27
N ASP B 228 -8.93 7.61 26.29
CA ASP B 228 -8.83 8.06 27.66
C ASP B 228 -7.52 7.52 28.21
N VAL B 229 -6.61 8.44 28.50
CA VAL B 229 -5.28 8.10 28.99
C VAL B 229 -5.33 7.41 30.38
N ARG B 230 -6.46 7.51 31.07
CA ARG B 230 -6.70 6.78 32.31
C ARG B 230 -6.96 5.27 32.12
N LEU B 231 -7.71 4.92 31.08
CA LEU B 231 -8.00 3.50 30.79
C LEU B 231 -6.79 2.78 30.17
N LEU B 232 -6.00 3.54 29.41
CA LEU B 232 -4.77 3.05 28.83
C LEU B 232 -3.77 2.72 29.94
N ASP B 233 -3.58 3.66 30.88
CA ASP B 233 -2.77 3.46 32.08
C ASP B 233 -3.28 2.26 32.89
N TYR B 234 -4.60 2.15 33.07
CA TYR B 234 -5.16 1.01 33.78
C TYR B 234 -4.74 -0.33 33.14
N MET B 235 -5.09 -0.49 31.86
CA MET B 235 -4.67 -1.64 31.05
C MET B 235 -3.19 -2.02 31.24
N HIS B 236 -2.32 -1.02 31.15
CA HIS B 236 -0.88 -1.22 31.26
C HIS B 236 -0.53 -1.67 32.66
N GLU B 237 -1.01 -0.94 33.66
CA GLU B 237 -0.69 -1.23 35.07
C GLU B 237 -1.21 -2.63 35.49
N LYS B 238 -2.37 -3.01 35.00
CA LYS B 238 -2.98 -4.30 35.34
C LYS B 238 -2.49 -5.50 34.49
N GLN B 239 -1.65 -5.24 33.49
CA GLN B 239 -1.21 -6.25 32.51
C GLN B 239 -2.38 -6.95 31.81
N LEU B 240 -3.36 -6.19 31.38
CA LEU B 240 -4.47 -6.80 30.66
C LEU B 240 -4.16 -6.93 29.18
N GLY B 241 -4.63 -8.03 28.61
CA GLY B 241 -4.79 -8.15 27.16
C GLY B 241 -6.00 -7.43 26.59
N PHE B 242 -7.08 -7.35 27.38
CA PHE B 242 -8.40 -6.92 26.94
C PHE B 242 -9.07 -6.12 28.06
N LEU B 243 -9.65 -4.97 27.70
CA LEU B 243 -10.50 -4.18 28.57
C LEU B 243 -11.73 -3.70 27.83
N MET B 244 -12.86 -4.10 28.36
CA MET B 244 -14.14 -3.69 27.90
C MET B 244 -14.77 -2.63 28.81
N GLU B 245 -15.15 -1.51 28.22
CA GLU B 245 -15.91 -0.48 28.92
C GLU B 245 -17.39 -0.83 28.83
N VAL B 246 -18.06 -0.88 29.97
CA VAL B 246 -19.52 -1.06 30.01
C VAL B 246 -20.17 0.22 30.58
N CYS B 247 -21.49 0.36 30.44
CA CYS B 247 -22.22 1.42 31.14
C CYS B 247 -23.36 0.80 31.93
N ARG B 248 -23.73 1.45 33.02
CA ARG B 248 -24.96 1.13 33.71
C ARG B 248 -26.12 1.16 32.71
N ARG B 249 -26.81 0.04 32.61
CA ARG B 249 -27.87 -0.12 31.62
C ARG B 249 -29.06 0.78 31.92
N THR B 250 -29.50 1.46 30.88
CA THR B 250 -30.69 2.29 30.94
C THR B 250 -31.79 1.65 30.12
N GLU B 251 -32.97 2.28 30.19
CA GLU B 251 -34.19 1.91 29.46
C GLU B 251 -33.96 1.74 27.95
N SER B 252 -33.18 2.67 27.39
CA SER B 252 -32.92 2.73 25.95
CA SER B 252 -32.94 2.72 25.95
C SER B 252 -31.97 1.63 25.43
N ASP B 253 -31.29 0.93 26.34
CA ASP B 253 -30.31 -0.11 25.97
C ASP B 253 -30.93 -1.50 25.69
N LYS B 254 -31.47 -1.63 24.48
CA LYS B 254 -32.35 -2.75 24.08
C LYS B 254 -31.74 -3.67 23.00
N LYS B 255 -30.84 -3.12 22.17
CA LYS B 255 -30.07 -3.87 21.15
C LYS B 255 -28.58 -3.69 21.40
N GLY B 256 -27.94 -4.81 21.70
CA GLY B 256 -26.51 -4.89 21.84
C GLY B 256 -26.26 -6.09 22.75
N GLY B 257 -25.25 -5.98 23.60
CA GLY B 257 -24.92 -7.07 24.52
C GLY B 257 -24.72 -6.72 25.97
N HIS B 258 -25.03 -7.66 26.85
CA HIS B 258 -24.79 -7.45 28.26
C HIS B 258 -23.79 -8.46 28.79
N LEU B 259 -23.10 -8.10 29.87
CA LEU B 259 -22.17 -9.06 30.51
C LEU B 259 -22.92 -9.97 31.43
N ALA B 260 -22.36 -11.16 31.63
CA ALA B 260 -22.89 -12.15 32.55
C ALA B 260 -21.75 -13.09 32.88
N TYR B 261 -21.99 -13.99 33.83
CA TYR B 261 -21.00 -14.95 34.29
C TYR B 261 -21.46 -16.36 34.00
N LYS B 262 -20.51 -17.23 33.70
CA LYS B 262 -20.84 -18.65 33.65
C LYS B 262 -19.72 -19.48 34.28
N ASP B 263 -20.10 -20.56 34.96
CA ASP B 263 -19.13 -21.39 35.67
C ASP B 263 -18.39 -22.33 34.73
N VAL B 264 -17.07 -22.26 34.79
CA VAL B 264 -16.19 -23.16 34.04
C VAL B 264 -15.18 -23.90 34.96
N ILE B 265 -14.70 -25.04 34.49
CA ILE B 265 -13.47 -25.63 35.03
C ILE B 265 -12.77 -26.48 33.95
N ASP B 266 -11.56 -26.04 33.56
CA ASP B 266 -10.73 -26.77 32.58
C ASP B 266 -9.51 -27.38 33.28
N ARG B 273 -18.46 -17.89 39.99
CA ARG B 273 -18.68 -17.09 38.79
C ARG B 273 -17.37 -16.96 37.99
N ARG B 274 -16.93 -18.10 37.45
CA ARG B 274 -15.59 -18.29 36.91
C ARG B 274 -15.20 -17.42 35.69
N ARG B 275 -16.13 -17.27 34.74
CA ARG B 275 -15.83 -16.67 33.42
C ARG B 275 -16.87 -15.62 32.97
N PHE B 276 -16.40 -14.54 32.33
CA PHE B 276 -17.28 -13.59 31.63
C PHE B 276 -17.95 -14.20 30.36
N VAL B 277 -19.23 -13.93 30.18
CA VAL B 277 -19.92 -14.24 28.94
C VAL B 277 -20.52 -12.91 28.46
N LEU B 278 -20.45 -12.68 27.16
CA LEU B 278 -21.19 -11.58 26.55
C LEU B 278 -22.43 -12.16 25.87
N ARG B 279 -23.59 -11.56 26.13
CA ARG B 279 -24.79 -11.98 25.45
C ARG B 279 -25.36 -10.87 24.59
N GLU B 280 -25.20 -11.08 23.29
CA GLU B 280 -25.68 -10.19 22.23
C GLU B 280 -27.11 -10.50 21.95
N SER B 281 -27.84 -9.52 21.37
CA SER B 281 -29.26 -9.70 20.94
C SER B 281 -29.48 -10.96 20.10
N ALA B 282 -28.54 -11.28 19.19
CA ALA B 282 -28.72 -12.43 18.29
C ALA B 282 -28.46 -13.77 18.98
N GLN B 283 -28.04 -13.73 20.24
CA GLN B 283 -27.80 -14.95 21.02
C GLN B 283 -28.90 -15.23 22.06
N CYS B 284 -29.96 -14.43 22.02
CA CYS B 284 -31.03 -14.53 23.02
C CYS B 284 -32.25 -15.18 22.43
N PRO B 285 -32.64 -16.37 22.96
CA PRO B 285 -33.85 -17.05 22.52
C PRO B 285 -35.04 -16.16 22.74
N LYS B 286 -36.04 -16.28 21.88
CA LYS B 286 -37.34 -15.61 22.06
C LYS B 286 -37.88 -15.67 23.48
N GLU B 287 -37.92 -16.88 24.05
CA GLU B 287 -38.49 -17.11 25.39
C GLU B 287 -37.74 -16.39 26.51
N ASP B 288 -36.50 -16.02 26.24
CA ASP B 288 -35.66 -15.34 27.23
C ASP B 288 -35.59 -13.82 27.03
N GLU B 289 -36.38 -13.29 26.09
CA GLU B 289 -36.37 -11.85 25.78
C GLU B 289 -36.63 -10.95 26.98
N ASP B 290 -37.63 -11.30 27.78
CA ASP B 290 -37.98 -10.54 28.97
C ASP B 290 -36.79 -10.40 29.92
N SER B 291 -36.06 -11.51 30.12
CA SER B 291 -34.87 -11.55 30.96
C SER B 291 -33.72 -10.71 30.39
N PHE B 292 -33.48 -10.83 29.09
CA PHE B 292 -32.49 -9.97 28.38
C PHE B 292 -32.81 -8.47 28.58
N GLN B 293 -34.11 -8.14 28.67
CA GLN B 293 -34.54 -6.74 28.74
C GLN B 293 -34.78 -6.25 30.18
N ASN B 294 -34.45 -7.07 31.18
CA ASN B 294 -34.47 -6.66 32.57
C ASN B 294 -33.19 -5.86 32.87
N ILE B 295 -33.31 -4.54 32.97
CA ILE B 295 -32.12 -3.71 33.11
C ILE B 295 -31.62 -3.66 34.58
N ALA B 296 -32.43 -4.16 35.50
CA ALA B 296 -31.99 -4.33 36.88
C ALA B 296 -31.17 -5.61 37.04
N LYS B 297 -31.57 -6.66 36.33
CA LYS B 297 -30.90 -7.94 36.44
C LYS B 297 -29.58 -7.86 35.68
N HIS B 298 -29.67 -7.53 34.39
CA HIS B 298 -28.49 -7.46 33.55
C HIS B 298 -28.14 -5.98 33.32
N CYS B 299 -27.51 -5.38 34.34
CA CYS B 299 -27.33 -3.92 34.46
C CYS B 299 -25.99 -3.39 33.93
N PHE B 300 -25.21 -4.27 33.35
CA PHE B 300 -23.95 -3.83 32.74
C PHE B 300 -23.92 -4.04 31.24
N PHE B 301 -23.98 -2.94 30.50
CA PHE B 301 -24.18 -3.00 29.06
C PHE B 301 -22.92 -2.63 28.30
N ASN B 302 -22.57 -3.47 27.32
CA ASN B 302 -21.34 -3.29 26.52
C ASN B 302 -21.43 -2.05 25.64
N THR B 303 -20.44 -1.15 25.75
CA THR B 303 -20.42 0.06 24.92
C THR B 303 -19.83 -0.25 23.55
N ASN B 304 -19.11 -1.36 23.53
CA ASN B 304 -18.19 -1.74 22.46
C ASN B 304 -16.94 -0.87 22.30
N ASN B 305 -16.63 -0.06 23.32
CA ASN B 305 -15.34 0.63 23.47
C ASN B 305 -14.40 -0.37 24.14
N ILE B 306 -13.49 -0.91 23.36
CA ILE B 306 -12.67 -2.05 23.77
C ILE B 306 -11.20 -1.76 23.52
N TRP B 307 -10.36 -2.04 24.51
CA TRP B 307 -8.91 -1.83 24.41
C TRP B 307 -8.26 -3.18 24.29
N ILE B 308 -7.34 -3.31 23.33
CA ILE B 308 -6.63 -4.55 23.01
C ILE B 308 -5.12 -4.34 23.10
N ASN B 309 -4.42 -5.25 23.79
CA ASN B 309 -2.98 -5.34 23.73
C ASN B 309 -2.61 -6.12 22.48
N LEU B 310 -1.92 -5.43 21.58
CA LEU B 310 -1.52 -5.99 20.29
C LEU B 310 -0.51 -7.15 20.39
N MET B 311 0.43 -7.09 21.35
CA MET B 311 1.40 -8.17 21.60
C MET B 311 0.72 -9.44 22.10
N GLU B 312 -0.16 -9.26 23.08
CA GLU B 312 -1.11 -10.28 23.49
C GLU B 312 -1.96 -10.85 22.35
N LEU B 313 -2.61 -9.99 21.58
CA LEU B 313 -3.34 -10.43 20.40
C LEU B 313 -2.46 -11.23 19.41
N LYS B 314 -1.27 -10.72 19.09
CA LYS B 314 -0.30 -11.50 18.26
C LYS B 314 0.03 -12.89 18.82
N LYS B 315 0.37 -12.97 20.12
CA LYS B 315 0.65 -14.27 20.78
C LYS B 315 -0.52 -15.25 20.69
N MET B 316 -1.70 -14.76 21.08
CA MET B 316 -2.94 -15.56 21.02
C MET B 316 -3.18 -16.08 19.60
N MET B 317 -3.11 -15.19 18.61
CA MET B 317 -3.30 -15.56 17.20
C MET B 317 -2.30 -16.59 16.70
N ASP B 318 -1.02 -16.39 17.02
CA ASP B 318 0.02 -17.34 16.64
C ASP B 318 -0.26 -18.72 17.22
N GLU B 319 -0.63 -18.78 18.49
CA GLU B 319 -0.78 -20.05 19.18
CA GLU B 319 -0.78 -20.04 19.20
C GLU B 319 -2.06 -20.79 18.79
N GLN B 320 -3.06 -20.03 18.36
CA GLN B 320 -4.35 -20.58 17.92
C GLN B 320 -4.37 -20.83 16.41
N LEU B 321 -3.20 -20.66 15.79
CA LEU B 321 -3.01 -20.75 14.34
C LEU B 321 -4.02 -19.93 13.49
N GLY B 322 -4.28 -18.70 13.93
CA GLY B 322 -5.18 -17.79 13.19
C GLY B 322 -6.68 -18.01 13.42
N VAL B 323 -7.05 -19.00 14.25
CA VAL B 323 -8.45 -19.40 14.47
C VAL B 323 -8.92 -19.13 15.91
N LEU B 324 -9.55 -17.97 16.10
CA LEU B 324 -10.07 -17.59 17.41
C LEU B 324 -11.41 -18.32 17.59
N ARG B 325 -11.72 -18.71 18.82
CA ARG B 325 -12.93 -19.49 19.08
C ARG B 325 -14.01 -18.60 19.60
N LEU B 326 -14.30 -17.55 18.83
CA LEU B 326 -15.40 -16.65 19.13
C LEU B 326 -16.69 -17.45 18.86
N PRO B 327 -17.69 -17.28 19.71
CA PRO B 327 -18.92 -18.01 19.44
C PRO B 327 -19.68 -17.45 18.21
N VAL B 328 -20.06 -18.33 17.29
CA VAL B 328 -20.86 -17.92 16.12
C VAL B 328 -22.28 -17.59 16.58
N MET B 329 -22.81 -16.52 16.02
CA MET B 329 -24.16 -16.09 16.27
C MET B 329 -24.90 -16.35 14.96
N ARG B 330 -26.01 -17.06 15.05
CA ARG B 330 -26.80 -17.43 13.88
C ARG B 330 -27.89 -16.40 13.82
N ASN B 331 -27.68 -15.37 13.01
CA ASN B 331 -28.52 -14.18 12.97
C ASN B 331 -29.55 -14.24 11.79
N PRO B 332 -30.84 -14.49 12.09
CA PRO B 332 -31.82 -14.66 11.01
C PRO B 332 -32.21 -13.33 10.32
N LYS B 333 -32.24 -13.37 8.98
CA LYS B 333 -32.60 -12.21 8.16
C LYS B 333 -33.31 -12.67 6.88
N THR B 334 -33.82 -11.74 6.08
CA THR B 334 -34.23 -12.05 4.72
C THR B 334 -33.13 -11.53 3.81
N VAL B 335 -32.99 -12.11 2.62
CA VAL B 335 -31.80 -11.86 1.80
C VAL B 335 -31.74 -10.39 1.36
N ASN B 336 -32.92 -9.80 1.21
CA ASN B 336 -33.04 -8.38 1.08
C ASN B 336 -33.69 -7.90 2.35
N PRO B 337 -32.93 -7.19 3.20
CA PRO B 337 -33.43 -6.69 4.48
C PRO B 337 -34.73 -5.89 4.33
N GLN B 338 -34.76 -5.04 3.31
CA GLN B 338 -35.87 -4.12 3.04
C GLN B 338 -37.13 -4.78 2.50
N ASP B 339 -37.06 -6.08 2.22
CA ASP B 339 -38.19 -6.87 1.72
C ASP B 339 -38.39 -8.12 2.58
N SER B 340 -39.44 -8.10 3.41
CA SER B 340 -39.76 -9.19 4.34
C SER B 340 -40.23 -10.51 3.68
N GLN B 341 -40.56 -10.47 2.39
CA GLN B 341 -40.96 -11.68 1.64
C GLN B 341 -39.84 -12.23 0.74
N SER B 342 -38.63 -11.71 0.91
CA SER B 342 -37.47 -12.33 0.25
C SER B 342 -36.98 -13.57 1.04
N THR B 343 -36.16 -14.39 0.38
CA THR B 343 -35.63 -15.63 0.95
C THR B 343 -35.11 -15.43 2.37
N LYS B 344 -35.52 -16.31 3.29
CA LYS B 344 -35.06 -16.26 4.68
C LYS B 344 -33.67 -16.86 4.74
N VAL B 345 -32.73 -16.10 5.34
CA VAL B 345 -31.30 -16.48 5.40
C VAL B 345 -30.71 -16.39 6.82
N TYR B 346 -29.54 -16.99 7.02
CA TYR B 346 -28.78 -16.75 8.21
C TYR B 346 -27.51 -16.04 7.81
N GLN B 347 -27.12 -15.10 8.66
CA GLN B 347 -25.82 -14.47 8.58
C GLN B 347 -25.05 -15.04 9.73
N LEU B 348 -23.91 -15.68 9.45
CA LEU B 348 -23.07 -16.23 10.54
C LEU B 348 -22.11 -15.14 10.98
N GLU B 349 -22.21 -14.72 12.25
CA GLU B 349 -21.45 -13.57 12.76
C GLU B 349 -20.70 -13.86 14.07
N VAL B 350 -19.58 -13.14 14.28
CA VAL B 350 -18.93 -13.03 15.59
C VAL B 350 -18.81 -11.56 16.09
N ALA B 351 -18.69 -11.42 17.40
CA ALA B 351 -18.63 -10.10 18.07
C ALA B 351 -17.30 -9.90 18.77
N MET B 352 -16.75 -8.70 18.65
CA MET B 352 -15.41 -8.47 19.14
C MET B 352 -15.32 -8.55 20.68
N GLY B 353 -16.46 -8.32 21.36
CA GLY B 353 -16.53 -8.36 22.82
C GLY B 353 -16.49 -9.76 23.39
N ALA B 354 -16.81 -10.75 22.57
CA ALA B 354 -16.75 -12.16 22.97
C ALA B 354 -15.32 -12.68 23.17
N ALA B 355 -14.32 -11.89 22.76
CA ALA B 355 -12.92 -12.19 23.12
C ALA B 355 -12.65 -11.99 24.61
N ILE B 356 -13.63 -11.43 25.34
CA ILE B 356 -13.47 -11.18 26.79
C ILE B 356 -13.11 -12.48 27.53
N SER B 357 -13.59 -13.62 27.02
CA SER B 357 -13.37 -14.94 27.65
C SER B 357 -12.08 -15.60 27.18
N LEU B 358 -11.51 -15.08 26.10
CA LEU B 358 -10.41 -15.78 25.41
C LEU B 358 -9.03 -15.25 25.77
N PHE B 359 -8.95 -13.97 26.12
CA PHE B 359 -7.67 -13.39 26.51
C PHE B 359 -7.37 -13.91 27.92
N ASP B 360 -6.11 -14.26 28.16
CA ASP B 360 -5.63 -14.64 29.49
C ASP B 360 -6.04 -13.60 30.53
N ARG B 361 -5.82 -12.33 30.22
CA ARG B 361 -6.15 -11.22 31.14
C ARG B 361 -7.12 -10.20 30.52
N SER B 362 -8.36 -10.29 31.00
CA SER B 362 -9.51 -9.50 30.57
C SER B 362 -10.16 -8.80 31.76
N GLU B 363 -10.55 -7.55 31.59
CA GLU B 363 -11.44 -6.92 32.55
C GLU B 363 -12.59 -6.19 31.85
N ALA B 364 -13.68 -6.04 32.59
CA ALA B 364 -14.71 -5.06 32.27
C ALA B 364 -14.76 -3.98 33.36
N VAL B 365 -14.91 -2.74 32.93
CA VAL B 365 -14.92 -1.56 33.80
C VAL B 365 -16.13 -0.67 33.45
N VAL B 366 -16.78 -0.11 34.47
CA VAL B 366 -17.93 0.75 34.25
C VAL B 366 -17.46 2.19 34.01
N VAL B 367 -17.97 2.78 32.93
CA VAL B 367 -17.61 4.16 32.57
C VAL B 367 -18.86 5.04 32.52
N PRO B 368 -18.69 6.36 32.78
CA PRO B 368 -19.87 7.22 32.68
C PRO B 368 -20.52 7.13 31.30
N ARG B 369 -21.85 7.28 31.30
CA ARG B 369 -22.66 7.43 30.07
C ARG B 369 -22.06 8.32 28.99
N GLU B 370 -21.28 9.34 29.36
CA GLU B 370 -20.76 10.28 28.37
C GLU B 370 -19.92 9.57 27.29
N ARG B 371 -19.45 8.36 27.58
CA ARG B 371 -18.61 7.59 26.65
C ARG B 371 -19.41 6.67 25.72
N PHE B 372 -20.74 6.85 25.69
CA PHE B 372 -21.64 5.93 25.02
C PHE B 372 -22.90 6.68 24.58
N ALA B 373 -22.97 6.90 23.27
CA ALA B 373 -24.09 7.58 22.59
C ALA B 373 -24.42 6.77 21.31
N PRO B 374 -25.03 5.58 21.51
CA PRO B 374 -25.27 4.60 20.46
C PRO B 374 -26.41 4.94 19.47
N VAL B 375 -26.26 4.49 18.23
CA VAL B 375 -27.32 4.57 17.21
C VAL B 375 -27.41 3.18 16.56
N LYS B 376 -28.30 2.35 17.11
CA LYS B 376 -28.63 1.01 16.57
C LYS B 376 -29.88 1.13 15.69
N THR B 377 -30.75 2.08 16.02
CA THR B 377 -32.05 2.26 15.33
C THR B 377 -32.32 3.71 14.99
N CYS B 378 -33.32 3.93 14.13
CA CYS B 378 -33.79 5.28 13.79
C CYS B 378 -34.27 6.00 15.07
N SER B 379 -34.74 5.22 16.06
CA SER B 379 -35.14 5.77 17.37
C SER B 379 -33.94 6.43 18.10
N ASP B 380 -32.81 5.73 18.10
CA ASP B 380 -31.54 6.28 18.59
C ASP B 380 -31.10 7.49 17.80
N LEU B 381 -31.35 7.44 16.48
CA LEU B 381 -30.94 8.50 15.56
C LEU B 381 -31.71 9.76 15.86
N LEU B 382 -33.02 9.60 16.10
CA LEU B 382 -33.88 10.69 16.50
C LEU B 382 -33.36 11.40 17.74
N ALA B 383 -32.90 10.63 18.73
CA ALA B 383 -32.46 11.26 19.96
C ALA B 383 -31.11 11.98 19.77
N LEU B 384 -30.19 11.35 19.01
CA LEU B 384 -28.88 11.97 18.75
C LEU B 384 -29.00 13.26 17.92
N ARG B 385 -29.93 13.23 16.97
CA ARG B 385 -30.21 14.35 16.07
C ARG B 385 -30.93 15.48 16.81
N SER B 386 -31.66 15.13 17.85
CA SER B 386 -32.42 16.07 18.68
C SER B 386 -31.48 16.79 19.65
N ASP B 387 -32.01 17.78 20.36
CA ASP B 387 -31.22 18.55 21.33
C ASP B 387 -31.00 17.82 22.66
N ALA B 388 -31.36 16.53 22.72
CA ALA B 388 -31.04 15.70 23.87
C ALA B 388 -29.54 15.42 23.93
N TYR B 389 -28.84 15.65 22.81
CA TYR B 389 -27.39 15.44 22.71
C TYR B 389 -26.64 16.70 22.28
N GLN B 390 -25.52 16.96 22.95
CA GLN B 390 -24.73 18.17 22.80
C GLN B 390 -23.44 17.78 22.09
N VAL B 391 -22.96 18.63 21.16
CA VAL B 391 -21.56 18.60 20.75
C VAL B 391 -20.71 19.25 21.84
N THR B 392 -19.68 18.53 22.27
CA THR B 392 -18.72 19.04 23.24
C THR B 392 -17.57 19.79 22.58
N GLU B 393 -16.74 20.40 23.44
CA GLU B 393 -15.52 21.07 23.05
C GLU B 393 -14.54 20.13 22.33
N ASP B 394 -14.46 18.88 22.77
CA ASP B 394 -13.58 17.91 22.09
C ASP B 394 -14.30 17.10 20.97
N GLN B 395 -15.36 17.71 20.43
CA GLN B 395 -16.13 17.21 19.27
C GLN B 395 -16.90 15.91 19.50
N ARG B 396 -17.14 15.57 20.77
CA ARG B 396 -17.98 14.44 21.11
C ARG B 396 -19.45 14.85 21.12
N LEU B 397 -20.32 13.87 20.98
CA LEU B 397 -21.73 14.03 21.29
C LEU B 397 -22.03 13.31 22.60
N VAL B 398 -22.56 14.07 23.55
CA VAL B 398 -22.83 13.59 24.89
C VAL B 398 -24.27 13.96 25.27
N LEU B 399 -24.90 13.09 26.05
CA LEU B 399 -26.24 13.34 26.60
C LEU B 399 -26.24 14.64 27.40
N CYS B 400 -27.32 15.42 27.29
CA CYS B 400 -27.40 16.70 27.98
C CYS B 400 -27.32 16.50 29.50
N GLU B 401 -26.89 17.54 30.23
CA GLU B 401 -26.67 17.46 31.66
C GLU B 401 -27.96 17.16 32.40
N GLU B 402 -29.07 17.71 31.88
CA GLU B 402 -30.36 17.70 32.57
C GLU B 402 -31.10 16.36 32.52
N ARG B 403 -30.74 15.49 31.57
CA ARG B 403 -31.26 14.12 31.57
C ARG B 403 -30.42 13.27 32.53
N ASN B 404 -29.32 13.85 32.98
CA ASN B 404 -28.23 13.18 33.70
C ASN B 404 -27.53 12.14 32.82
N GLY B 405 -27.79 10.87 33.09
CA GLY B 405 -27.15 9.75 32.41
C GLY B 405 -28.18 8.83 31.78
N LYS B 406 -29.44 9.26 31.77
CA LYS B 406 -30.51 8.50 31.14
C LYS B 406 -30.97 9.17 29.84
N PRO B 407 -30.74 8.51 28.68
CA PRO B 407 -31.32 9.01 27.43
C PRO B 407 -32.85 9.00 27.45
N PRO B 408 -33.49 9.84 26.60
CA PRO B 408 -34.94 9.74 26.49
C PRO B 408 -35.33 8.32 26.04
N ALA B 409 -36.38 7.76 26.62
CA ALA B 409 -36.85 6.45 26.22
C ALA B 409 -37.79 6.57 25.02
N ILE B 410 -37.26 6.27 23.84
CA ILE B 410 -37.99 6.46 22.59
C ILE B 410 -38.45 5.12 21.98
N ASP B 411 -39.76 4.97 21.86
CA ASP B 411 -40.37 3.84 21.15
C ASP B 411 -41.13 4.34 19.89
N LEU B 412 -40.64 3.92 18.71
CA LEU B 412 -41.21 4.27 17.41
C LEU B 412 -41.85 3.05 16.75
N ASP B 413 -43.09 3.22 16.26
CA ASP B 413 -43.82 2.16 15.55
C ASP B 413 -42.91 1.40 14.58
N GLY B 414 -42.91 0.07 14.69
CA GLY B 414 -42.02 -0.76 13.85
C GLY B 414 -42.48 -0.87 12.42
N GLU B 415 -43.78 -0.67 12.21
CA GLU B 415 -44.38 -0.75 10.89
C GLU B 415 -43.99 0.41 9.98
N HIS B 416 -43.59 1.53 10.56
CA HIS B 416 -43.35 2.73 9.75
C HIS B 416 -41.97 3.34 9.86
N TYR B 417 -41.29 3.12 10.98
CA TYR B 417 -40.05 3.86 11.31
C TYR B 417 -38.81 3.01 11.54
N LYS B 418 -38.90 1.73 11.18
CA LYS B 418 -37.78 0.81 11.28
C LYS B 418 -36.79 1.15 10.17
N MET B 419 -37.32 1.30 8.96
CA MET B 419 -36.54 1.67 7.79
C MET B 419 -36.25 3.17 7.79
N ILE B 420 -35.01 3.52 7.47
CA ILE B 420 -34.58 4.93 7.41
C ILE B 420 -35.56 5.70 6.54
N ASP B 421 -36.00 5.08 5.43
CA ASP B 421 -36.93 5.65 4.48
C ASP B 421 -38.28 6.08 5.07
N GLY B 422 -38.76 5.33 6.07
CA GLY B 422 -39.93 5.73 6.86
C GLY B 422 -39.66 6.77 7.95
N PHE B 423 -38.48 6.71 8.58
CA PHE B 423 -38.13 7.65 9.65
C PHE B 423 -37.97 9.07 9.12
N GLU B 424 -37.38 9.19 7.92
CA GLU B 424 -37.21 10.47 7.27
C GLU B 424 -38.51 11.28 7.15
N LYS B 425 -39.66 10.59 7.20
CA LYS B 425 -40.97 11.25 7.16
C LYS B 425 -41.41 11.75 8.54
N LEU B 426 -41.14 10.95 9.57
CA LEU B 426 -41.30 11.40 10.97
C LEU B 426 -40.71 12.80 11.24
N VAL B 427 -39.50 13.04 10.76
CA VAL B 427 -38.81 14.30 10.97
C VAL B 427 -38.81 15.19 9.72
N LYS B 428 -39.69 14.84 8.77
CA LYS B 428 -39.86 15.54 7.48
C LYS B 428 -39.75 17.07 7.57
N GLY B 429 -40.46 17.66 8.53
CA GLY B 429 -40.45 19.12 8.69
C GLY B 429 -39.41 19.61 9.68
N GLY B 430 -38.83 18.68 10.43
CA GLY B 430 -37.77 19.00 11.41
C GLY B 430 -37.68 17.98 12.53
N VAL B 431 -36.81 18.26 13.51
CA VAL B 431 -36.59 17.33 14.62
C VAL B 431 -37.01 17.95 15.96
N PRO B 432 -37.98 17.31 16.66
CA PRO B 432 -38.49 17.93 17.90
C PRO B 432 -37.41 18.06 18.97
N SER B 433 -37.59 18.97 19.91
CA SER B 433 -36.74 19.01 21.10
C SER B 433 -37.07 17.84 21.99
N LEU B 434 -36.05 17.10 22.41
CA LEU B 434 -36.23 15.96 23.29
C LEU B 434 -35.40 16.02 24.59
N ARG B 435 -34.72 17.16 24.79
CA ARG B 435 -33.97 17.39 26.04
C ARG B 435 -34.80 17.28 27.33
N GLN B 436 -36.07 17.70 27.27
CA GLN B 436 -37.00 17.59 28.40
C GLN B 436 -37.73 16.25 28.44
N CYS B 437 -37.52 15.43 27.41
CA CYS B 437 -38.24 14.15 27.21
C CYS B 437 -37.71 12.96 28.02
N THR B 438 -38.60 12.33 28.80
CA THR B 438 -38.27 11.11 29.54
C THR B 438 -38.66 9.87 28.74
N SER B 439 -39.81 9.93 28.05
CA SER B 439 -40.24 8.86 27.15
CA SER B 439 -40.26 8.86 27.16
C SER B 439 -41.04 9.41 25.97
N LEU B 440 -40.99 8.70 24.85
CA LEU B 440 -41.77 9.07 23.66
C LEU B 440 -42.26 7.81 22.92
N THR B 441 -43.58 7.61 22.88
CA THR B 441 -44.19 6.50 22.12
C THR B 441 -44.96 7.02 20.89
N VAL B 442 -44.69 6.48 19.70
CA VAL B 442 -45.35 6.90 18.46
C VAL B 442 -45.99 5.73 17.65
N ARG B 443 -47.25 5.89 17.24
CA ARG B 443 -47.95 4.87 16.42
C ARG B 443 -48.84 5.48 15.29
N GLY B 444 -48.83 4.80 14.13
CA GLY B 444 -49.50 5.31 12.93
C GLY B 444 -48.52 6.17 12.15
N LEU B 445 -48.98 6.72 11.01
CA LEU B 445 -48.15 7.63 10.21
C LEU B 445 -48.24 9.08 10.72
N VAL B 446 -47.14 9.57 11.29
CA VAL B 446 -47.04 10.96 11.76
C VAL B 446 -45.75 11.65 11.31
N GLU B 447 -45.82 12.96 11.10
CA GLU B 447 -44.64 13.76 10.79
C GLU B 447 -44.64 15.12 11.46
N PHE B 448 -43.56 15.38 12.20
CA PHE B 448 -43.30 16.65 12.85
C PHE B 448 -42.96 17.76 11.86
N GLY B 449 -43.41 18.97 12.18
CA GLY B 449 -42.93 20.18 11.54
C GLY B 449 -41.73 20.70 12.32
N ALA B 450 -41.60 22.04 12.34
CA ALA B 450 -40.56 22.71 13.10
C ALA B 450 -41.01 23.11 14.51
N ASP B 451 -40.02 23.39 15.36
CA ASP B 451 -40.19 23.98 16.71
C ASP B 451 -41.18 23.30 17.67
N VAL B 452 -41.43 22.02 17.44
CA VAL B 452 -42.25 21.22 18.35
C VAL B 452 -41.40 20.78 19.54
N SER B 453 -42.00 20.77 20.72
CA SER B 453 -41.28 20.41 21.95
C SER B 453 -41.90 19.18 22.62
N VAL B 454 -41.06 18.24 23.04
CA VAL B 454 -41.53 17.06 23.78
C VAL B 454 -40.97 17.03 25.21
N ARG B 455 -41.87 17.07 26.19
CA ARG B 455 -41.49 17.12 27.61
C ARG B 455 -42.18 16.03 28.42
N GLY B 456 -41.40 15.35 29.25
CA GLY B 456 -41.89 14.25 30.10
C GLY B 456 -42.22 12.97 29.35
N ASN B 457 -43.38 12.40 29.68
CA ASN B 457 -43.89 11.19 29.03
C ASN B 457 -45.04 11.51 28.06
N VAL B 458 -44.74 11.41 26.76
CA VAL B 458 -45.68 11.76 25.68
C VAL B 458 -46.00 10.53 24.81
N VAL B 459 -47.29 10.37 24.47
CA VAL B 459 -47.79 9.24 23.64
C VAL B 459 -48.61 9.78 22.48
N ILE B 460 -48.25 9.30 21.25
CA ILE B 460 -48.99 9.76 20.04
C ILE B 460 -49.52 8.59 19.19
N LYS B 461 -50.85 8.57 19.01
CA LYS B 461 -51.50 7.54 18.19
C LYS B 461 -52.32 8.14 17.05
N ASN B 462 -51.91 7.81 15.83
CA ASN B 462 -52.68 8.05 14.62
C ASN B 462 -53.17 6.66 14.10
N LEU B 463 -54.51 6.53 13.93
CA LEU B 463 -55.11 5.25 13.47
C LEU B 463 -55.81 5.33 12.11
N LYS B 464 -56.15 6.66 11.71
CA LYS B 464 -56.57 6.92 10.31
C LYS B 464 -55.42 6.63 9.34
N GLU B 465 -55.73 6.49 8.06
CA GLU B 465 -54.72 6.16 7.04
C GLU B 465 -53.86 7.38 6.68
N GLU B 466 -54.44 8.57 6.82
CA GLU B 466 -53.78 9.83 6.49
C GLU B 466 -52.66 10.16 7.47
N PRO B 467 -51.45 10.46 6.94
CA PRO B 467 -50.31 10.97 7.70
C PRO B 467 -50.66 12.18 8.56
N LEU B 468 -50.50 12.01 9.87
CA LEU B 468 -50.76 13.07 10.83
C LEU B 468 -49.62 14.11 10.89
N ILE B 469 -49.88 15.29 10.35
CA ILE B 469 -48.96 16.43 10.51
C ILE B 469 -49.12 17.01 11.92
N ILE B 470 -48.04 16.97 12.71
CA ILE B 470 -48.01 17.67 14.01
C ILE B 470 -47.71 19.16 13.75
N GLY B 471 -48.67 20.03 14.07
CA GLY B 471 -48.56 21.47 13.83
C GLY B 471 -47.32 22.08 14.47
N SER B 472 -46.64 22.94 13.71
CA SER B 472 -45.38 23.56 14.15
C SER B 472 -45.59 24.50 15.34
N GLY B 473 -44.65 24.46 16.27
CA GLY B 473 -44.79 25.14 17.55
C GLY B 473 -45.40 24.26 18.64
N ARG B 474 -45.95 23.11 18.26
CA ARG B 474 -46.70 22.27 19.20
C ARG B 474 -45.84 21.81 20.36
N VAL B 475 -46.11 22.33 21.54
CA VAL B 475 -45.48 21.85 22.76
C VAL B 475 -46.32 20.72 23.33
N LEU B 476 -45.78 19.51 23.25
CA LEU B 476 -46.41 18.35 23.86
C LEU B 476 -45.78 18.16 25.23
N ASP B 477 -46.62 18.14 26.25
CA ASP B 477 -46.16 18.13 27.64
C ASP B 477 -47.03 17.17 28.43
N ASN B 478 -46.51 15.96 28.63
CA ASN B 478 -47.23 14.86 29.29
C ASN B 478 -48.66 14.62 28.77
N GLU B 479 -48.77 14.34 27.47
CA GLU B 479 -50.07 14.18 26.84
C GLU B 479 -50.17 13.02 25.85
N VAL B 480 -51.37 12.45 25.79
CA VAL B 480 -51.70 11.32 24.92
C VAL B 480 -52.53 11.85 23.74
N VAL B 481 -52.04 11.59 22.52
CA VAL B 481 -52.69 12.08 21.28
C VAL B 481 -53.24 10.90 20.49
N VAL B 482 -54.56 10.82 20.30
CA VAL B 482 -55.16 9.81 19.39
C VAL B 482 -55.99 10.46 18.27
N VAL B 483 -55.82 9.94 17.04
CA VAL B 483 -56.60 10.40 15.88
C VAL B 483 -57.22 9.22 15.12
N1 UPG C . 18.40 3.25 -20.95
C2 UPG C . 17.10 3.57 -21.41
N3 UPG C . 16.96 4.70 -22.20
C4 UPG C . 18.03 5.51 -22.55
C5 UPG C . 19.31 5.21 -22.08
C6 UPG C . 19.52 4.09 -21.29
O2 UPG C . 16.09 2.90 -21.17
O4 UPG C . 17.78 6.48 -23.27
C1C UPG C . 18.60 2.04 -20.09
C2C UPG C . 19.72 1.05 -20.41
O2C UPG C . 19.31 0.13 -21.43
C3C UPG C . 19.83 0.34 -19.05
C4C UPG C . 19.64 1.49 -18.07
O4C UPG C . 18.94 2.54 -18.79
O3C UPG C . 18.74 -0.55 -18.91
C5C UPG C . 21.00 2.07 -17.59
O5C UPG C . 21.73 2.73 -18.59
PA UPG C . 23.33 2.56 -18.70
O1A UPG C . 23.57 1.09 -18.60
O2A UPG C . 23.88 3.31 -19.84
O3A UPG C . 23.84 3.24 -17.28
PB UPG C . 24.23 4.79 -17.01
O1B UPG C . 23.10 5.63 -17.48
O2B UPG C . 25.61 5.09 -17.48
O3B UPG C . 24.34 4.74 -15.42
C1' UPG C . 23.12 4.46 -14.63
C2' UPG C . 22.86 5.64 -13.70
C3' UPG C . 24.10 5.82 -12.83
C4' UPG C . 24.33 4.54 -12.01
C5' UPG C . 24.47 3.32 -12.95
C6' UPG C . 24.38 2.04 -12.17
O2' UPG C . 22.61 6.85 -14.44
O3' UPG C . 23.93 6.97 -12.02
O4' UPG C . 25.49 4.67 -11.20
O5' UPG C . 23.39 3.23 -13.93
O6' UPG C . 24.89 0.96 -12.98
C1 GOL D . -6.30 7.17 -1.73
O1 GOL D . -6.21 6.85 -0.39
C2 GOL D . -4.89 7.64 -2.01
O2 GOL D . -4.10 6.55 -2.45
C3 GOL D . -4.89 8.84 -2.94
O3 GOL D . -3.56 9.29 -2.99
C1 GOL E . 0.39 6.97 -1.11
O1 GOL E . -0.13 5.93 -0.32
C2 GOL E . -0.06 8.32 -0.58
O2 GOL E . -0.05 8.29 0.82
C3 GOL E . 0.74 9.50 -1.12
O3 GOL E . 0.77 9.49 -2.53
S SO4 F . 22.44 -6.52 -29.95
O1 SO4 F . 23.38 -6.30 -31.06
O2 SO4 F . 22.79 -7.73 -29.18
O3 SO4 F . 22.51 -5.42 -29.00
O4 SO4 F . 21.08 -6.63 -30.47
S SO4 G . 41.16 14.29 -5.28
O1 SO4 G . 42.23 14.98 -6.00
O2 SO4 G . 41.44 14.33 -3.84
O3 SO4 G . 39.89 14.96 -5.55
O4 SO4 G . 41.07 12.92 -5.78
S1 DTU H . 17.26 14.97 -25.22
C1 DTU H . 15.55 15.55 -25.38
C2 DTU H . 14.57 14.80 -24.51
O2 DTU H . 13.28 15.23 -24.90
C3 DTU H . 14.74 14.99 -22.99
O3 DTU H . 16.07 15.22 -22.59
C4 DTU H . 14.32 13.71 -22.32
S4 DTU H . 12.56 13.71 -22.02
C1 GOL I . 24.79 6.61 -21.40
O1 GOL I . 24.94 5.30 -21.93
C2 GOL I . 23.30 7.00 -21.43
O2 GOL I . 22.49 5.96 -20.92
C3 GOL I . 22.87 7.40 -22.84
O3 GOL I . 21.45 7.62 -22.90
S SO4 J . -46.46 1.50 19.00
O1 SO4 J . -47.16 0.75 17.96
O2 SO4 J . -45.25 2.11 18.47
O3 SO4 J . -47.35 2.56 19.49
O4 SO4 J . -46.07 0.62 20.10
S SO4 K . -28.04 -5.04 11.93
O1 SO4 K . -27.69 -4.37 10.69
O2 SO4 K . -27.11 -4.63 12.97
O3 SO4 K . -29.42 -4.68 12.30
O4 SO4 K . -27.94 -6.49 11.76
S SO4 L . -37.76 -18.83 2.00
O1 SO4 L . -37.48 -18.61 0.58
O2 SO4 L . -37.62 -17.59 2.74
O3 SO4 L . -39.14 -19.28 2.17
O4 SO4 L . -36.85 -19.85 2.53
S SO4 M . -36.52 -14.28 9.13
O1 SO4 M . -35.86 -14.34 7.82
O2 SO4 M . -35.92 -15.28 10.02
O3 SO4 M . -36.35 -12.92 9.67
O4 SO4 M . -37.95 -14.55 9.00
S SO4 N . -51.80 3.98 10.16
O1 SO4 N . -51.87 3.72 8.73
O2 SO4 N . -50.71 3.19 10.73
O3 SO4 N . -51.55 5.40 10.37
O4 SO4 N . -53.06 3.59 10.79
C1 GOL O . -14.72 -14.52 11.69
O1 GOL O . -13.71 -14.03 10.85
C2 GOL O . -15.90 -15.04 10.89
O2 GOL O . -16.91 -15.54 11.72
C3 GOL O . -15.45 -16.12 9.91
O3 GOL O . -16.33 -16.03 8.82
O1 PG4 P . 2.09 2.87 11.59
C1 PG4 P . 0.85 3.52 11.88
C2 PG4 P . -0.15 3.26 10.74
O2 PG4 P . -1.45 3.48 11.28
C3 PG4 P . -2.37 4.05 10.34
C4 PG4 P . -2.23 5.57 10.34
O3 PG4 P . -3.43 6.16 9.84
C5 PG4 P . -3.82 7.32 10.58
C6 PG4 P . -2.96 8.54 10.33
O4 PG4 P . -3.80 9.68 10.53
C7 PG4 P . -4.33 10.17 9.29
C8 PG4 P . -4.17 11.69 9.27
O5 PG4 P . -3.22 12.07 8.27
C1 GOL Q . -38.69 -0.32 15.47
O1 GOL Q . -39.12 0.69 14.57
C2 GOL Q . -37.24 -0.10 15.87
O2 GOL Q . -36.51 -1.33 15.87
C3 GOL Q . -36.58 0.93 14.96
O3 GOL Q . -36.89 2.26 15.34
N1 UPG R . -19.67 -3.64 11.96
C2 UPG R . -18.54 -3.94 11.22
N3 UPG R . -18.45 -5.15 10.59
C4 UPG R . -19.48 -6.08 10.68
C5 UPG R . -20.62 -5.82 11.41
C6 UPG R . -20.73 -4.58 12.05
O2 UPG R . -17.58 -3.15 11.10
O4 UPG R . -19.31 -7.15 10.11
C1C UPG R . -19.76 -2.31 12.67
C2C UPG R . -20.99 -1.40 12.57
O2C UPG R . -20.85 -0.62 11.41
C3C UPG R . -20.77 -0.52 13.82
C4C UPG R . -20.21 -1.51 14.87
O4C UPG R . -19.62 -2.57 14.12
O3C UPG R . -19.78 0.51 13.67
C5C UPG R . -21.31 -2.15 15.76
O5C UPG R . -22.22 -2.93 15.06
PA UPG R . -23.81 -2.80 15.50
O1A UPG R . -24.15 -1.38 15.33
O2A UPG R . -24.55 -3.82 14.79
O3A UPG R . -23.91 -3.12 17.08
PB UPG R . -24.07 -4.59 17.70
O1B UPG R . -23.13 -5.48 16.96
O2B UPG R . -25.49 -4.94 17.76
O3B UPG R . -23.59 -4.36 19.18
C1' UPG R . -22.26 -3.89 19.55
C2' UPG R . -21.69 -4.86 20.59
C3' UPG R . -22.65 -4.89 21.81
C4' UPG R . -22.84 -3.45 22.35
C5' UPG R . -23.32 -2.47 21.24
C6' UPG R . -23.40 -1.07 21.79
O2' UPG R . -21.59 -6.11 19.92
O3' UPG R . -22.17 -5.75 22.87
O4' UPG R . -23.68 -3.43 23.53
O5' UPG R . -22.37 -2.56 20.11
O6' UPG R . -23.85 -0.07 20.84
#